data_5T2F
#
_entry.id   5T2F
#
_cell.length_a   57.775
_cell.length_b   66.527
_cell.length_c   86.520
_cell.angle_alpha   109.24
_cell.angle_beta   90.88
_cell.angle_gamma   90.30
#
_symmetry.space_group_name_H-M   'P 1'
#
loop_
_entity.id
_entity.type
_entity.pdbx_description
1 polymer 'DDK kinase regulatory subunit DBF4,Serine/threonine-protein kinase RAD53 chimeric protein'
2 non-polymer 1,2-ETHANEDIOL
3 water water
#
_entity_poly.entity_id   1
_entity_poly.type   'polypeptide(L)'
_entity_poly.pdbx_seq_one_letter_code
;SHMTPKELLEWQTNWKKIMKRDSRIYFDITDDVEMNTYNKSKMDKRRDLLKRGFLTLGAQITQFFDTTVTIVITRRSVEN
IYLLKDTDILSRAKKNYMKVWSYEKAARFLKNLDVDLDHVDSGASGGSKFSQEQIGENIVCRVICTTGQIPIRDLSADIS
QVLKEKRSIKKVWTFGRNPACDYHLGNISRLSNKHFQILLGEDGNLLLNDISTNGTWLNGQKVEKNSNQLLSQGDEITVG
VGVESDILSLVIFINDKFKQCLEQNKVDR
;
_entity_poly.pdbx_strand_id   A,B,C,D
#
loop_
_chem_comp.id
_chem_comp.type
_chem_comp.name
_chem_comp.formula
EDO non-polymer 1,2-ETHANEDIOL 'C2 H6 O2'
#
# COMPACT_ATOMS: atom_id res chain seq x y z
N HIS A 2 26.82 -13.35 3.93
CA HIS A 2 27.72 -14.26 3.23
C HIS A 2 27.02 -15.54 2.80
N MET A 3 25.70 -15.57 2.86
CA MET A 3 24.96 -16.71 2.34
C MET A 3 24.71 -16.51 0.85
N THR A 4 25.12 -17.49 0.06
CA THR A 4 24.88 -17.46 -1.38
C THR A 4 23.38 -17.49 -1.64
N PRO A 5 22.96 -17.05 -2.84
CA PRO A 5 21.53 -17.09 -3.18
C PRO A 5 20.94 -18.48 -3.01
N LYS A 6 21.72 -19.50 -3.36
CA LYS A 6 21.25 -20.89 -3.28
C LYS A 6 21.15 -21.35 -1.82
N GLU A 7 22.10 -20.94 -1.00
CA GLU A 7 22.11 -21.29 0.41
C GLU A 7 20.94 -20.64 1.15
N LEU A 8 20.70 -19.36 0.84
CA LEU A 8 19.65 -18.60 1.48
C LEU A 8 18.28 -19.10 1.04
N LEU A 9 18.21 -19.65 -0.15
CA LEU A 9 16.98 -20.25 -0.67
C LEU A 9 16.71 -21.57 0.05
N GLU A 10 17.77 -22.33 0.32
CA GLU A 10 17.65 -23.59 1.04
C GLU A 10 17.26 -23.32 2.49
N TRP A 11 17.84 -22.27 3.05
CA TRP A 11 17.52 -21.83 4.40
C TRP A 11 16.04 -21.47 4.50
N GLN A 12 15.52 -20.85 3.46
CA GLN A 12 14.12 -20.42 3.45
C GLN A 12 13.18 -21.62 3.31
N THR A 13 13.55 -22.54 2.43
CA THR A 13 12.73 -23.72 2.16
C THR A 13 12.54 -24.55 3.42
N ASN A 14 13.62 -24.70 4.18
CA ASN A 14 13.59 -25.45 5.42
C ASN A 14 12.70 -24.80 6.48
N TRP A 15 12.80 -23.49 6.63
CA TRP A 15 12.02 -22.79 7.65
C TRP A 15 10.52 -22.81 7.35
N LYS A 16 10.16 -22.59 6.09
CA LYS A 16 8.76 -22.68 5.68
C LYS A 16 8.23 -24.07 6.01
N LYS A 17 9.08 -25.05 5.81
CA LYS A 17 8.75 -26.44 6.08
C LYS A 17 8.50 -26.65 7.57
N ILE A 18 9.38 -26.08 8.41
CA ILE A 18 9.25 -26.18 9.86
C ILE A 18 8.07 -25.38 10.37
N MET A 19 7.87 -24.18 9.82
CA MET A 19 6.76 -23.32 10.21
C MET A 19 5.41 -24.00 9.98
N LYS A 20 5.29 -24.62 8.80
CA LYS A 20 4.05 -25.23 8.37
C LYS A 20 3.71 -26.50 9.17
N ARG A 21 4.75 -27.24 9.56
CA ARG A 21 4.57 -28.58 10.12
C ARG A 21 4.55 -28.66 11.64
N ASP A 22 5.43 -27.92 12.32
CA ASP A 22 5.60 -28.12 13.75
C ASP A 22 6.08 -26.91 14.57
N SER A 23 6.04 -25.71 14.01
CA SER A 23 6.31 -24.53 14.82
C SER A 23 5.10 -24.21 15.67
N ARG A 24 5.34 -23.84 16.93
CA ARG A 24 4.27 -23.42 17.84
C ARG A 24 4.69 -22.14 18.52
N ILE A 25 4.08 -21.03 18.11
CA ILE A 25 4.51 -19.71 18.56
C ILE A 25 3.62 -19.16 19.68
N TYR A 26 4.26 -18.62 20.71
CA TYR A 26 3.58 -17.99 21.82
C TYR A 26 3.93 -16.51 21.88
N PHE A 27 2.93 -15.67 22.06
CA PHE A 27 3.16 -14.23 22.16
C PHE A 27 3.08 -13.76 23.62
N ASP A 28 4.23 -13.35 24.14
CA ASP A 28 4.34 -12.87 25.51
C ASP A 28 3.41 -11.70 25.77
N ILE A 29 2.54 -11.85 26.77
CA ILE A 29 1.50 -10.87 27.06
C ILE A 29 1.97 -9.77 28.01
N THR A 30 3.10 -10.01 28.67
CA THR A 30 3.66 -9.02 29.59
C THR A 30 4.40 -7.94 28.82
N ASP A 31 4.35 -6.71 29.33
CA ASP A 31 5.09 -5.59 28.74
C ASP A 31 5.93 -4.87 29.79
N ASP A 32 6.79 -3.98 29.31
CA ASP A 32 7.35 -2.92 30.14
C ASP A 32 6.44 -1.72 29.98
N VAL A 33 6.12 -1.05 31.09
CA VAL A 33 5.19 0.08 31.06
C VAL A 33 5.56 1.08 29.95
N GLU A 34 4.55 1.48 29.18
CA GLU A 34 4.76 2.39 28.05
C GLU A 34 3.85 3.61 28.12
N MET A 35 4.43 4.78 27.91
CA MET A 35 3.70 6.04 27.91
C MET A 35 3.29 6.43 26.50
N TYR A 38 -2.49 3.78 25.28
CA TYR A 38 -2.23 4.24 23.92
C TYR A 38 -1.11 3.42 23.27
N LYS A 40 0.21 0.73 24.34
CA LYS A 40 -0.18 -0.67 24.44
C LYS A 40 -1.05 -1.08 23.26
N SER A 41 -1.85 -0.13 22.74
CA SER A 41 -2.76 -0.42 21.64
C SER A 41 -2.04 -0.40 20.30
N LYS A 42 -0.96 0.37 20.21
CA LYS A 42 -0.17 0.43 18.99
C LYS A 42 0.61 -0.87 18.82
N MET A 43 1.18 -1.37 19.91
CA MET A 43 1.91 -2.64 19.89
C MET A 43 0.95 -3.81 19.85
N ASP A 44 -0.32 -3.55 20.17
CA ASP A 44 -1.36 -4.55 20.00
C ASP A 44 -1.68 -4.71 18.52
N LYS A 45 -1.46 -3.62 17.76
CA LYS A 45 -1.69 -3.62 16.32
C LYS A 45 -0.55 -4.30 15.58
N ARG A 46 0.68 -4.00 15.98
CA ARG A 46 1.85 -4.63 15.39
C ARG A 46 1.90 -6.11 15.76
N ARG A 47 1.34 -6.43 16.92
CA ARG A 47 1.29 -7.82 17.39
C ARG A 47 0.37 -8.65 16.50
N ASP A 48 -0.85 -8.17 16.31
CA ASP A 48 -1.84 -8.91 15.52
C ASP A 48 -1.43 -9.01 14.06
N LEU A 49 -0.57 -8.11 13.62
CA LEU A 49 0.01 -8.18 12.28
C LEU A 49 0.98 -9.34 12.21
N LEU A 50 1.78 -9.51 13.25
CA LEU A 50 2.72 -10.61 13.33
C LEU A 50 1.98 -11.95 13.40
N LYS A 51 0.90 -12.00 14.18
CA LYS A 51 0.13 -13.23 14.34
C LYS A 51 -0.43 -13.70 13.00
N ARG A 52 -0.94 -12.76 12.20
CA ARG A 52 -1.53 -13.12 10.91
C ARG A 52 -0.47 -13.57 9.92
N GLY A 53 0.73 -13.00 10.01
CA GLY A 53 1.83 -13.41 9.17
C GLY A 53 2.29 -14.84 9.46
N PHE A 54 2.26 -15.22 10.74
CA PHE A 54 2.66 -16.56 11.12
C PHE A 54 1.55 -17.56 10.76
N LEU A 55 0.30 -17.12 10.84
CA LEU A 55 -0.82 -17.95 10.42
C LEU A 55 -0.76 -18.16 8.91
N THR A 56 -0.26 -17.14 8.20
CA THR A 56 -0.10 -17.23 6.75
C THR A 56 0.88 -18.35 6.40
N LEU A 57 1.83 -18.60 7.30
CA LEU A 57 2.84 -19.63 7.08
C LEU A 57 2.37 -21.01 7.54
N GLY A 58 1.18 -21.08 8.12
CA GLY A 58 0.63 -22.34 8.58
C GLY A 58 1.09 -22.73 9.97
N ALA A 59 1.77 -21.82 10.65
CA ALA A 59 2.22 -22.05 12.01
C ALA A 59 1.06 -21.93 12.98
N GLN A 60 1.19 -22.56 14.14
CA GLN A 60 0.15 -22.52 15.16
C GLN A 60 0.51 -21.53 16.27
N ILE A 61 -0.45 -20.66 16.58
CA ILE A 61 -0.31 -19.71 17.67
C ILE A 61 -0.95 -20.32 18.92
N THR A 62 -0.30 -20.14 20.07
CA THR A 62 -0.83 -20.64 21.34
C THR A 62 -1.19 -19.50 22.26
N GLN A 63 -2.23 -19.71 23.07
CA GLN A 63 -2.70 -18.70 24.01
C GLN A 63 -2.02 -18.84 25.38
N PHE A 64 -1.35 -19.98 25.59
CA PHE A 64 -0.70 -20.27 26.86
C PHE A 64 0.71 -20.81 26.69
N PHE A 65 1.55 -20.57 27.68
CA PHE A 65 2.95 -20.97 27.63
C PHE A 65 3.15 -22.43 28.01
N ASP A 66 3.43 -23.25 27.01
CA ASP A 66 3.74 -24.66 27.20
C ASP A 66 5.24 -24.85 27.05
N THR A 67 5.70 -26.10 27.20
CA THR A 67 7.07 -26.43 26.79
C THR A 67 7.02 -27.02 25.39
N THR A 68 5.80 -27.24 24.87
CA THR A 68 5.60 -27.56 23.46
C THR A 68 5.91 -26.36 22.59
N VAL A 69 5.95 -25.18 23.20
CA VAL A 69 6.25 -23.93 22.49
C VAL A 69 7.66 -23.94 21.92
N THR A 70 7.78 -23.51 20.67
CA THR A 70 9.06 -23.54 19.97
C THR A 70 9.66 -22.15 19.87
N ILE A 71 8.79 -21.15 19.81
CA ILE A 71 9.22 -19.75 19.75
C ILE A 71 8.32 -18.87 20.61
N VAL A 72 8.92 -18.02 21.44
CA VAL A 72 8.16 -16.97 22.10
C VAL A 72 8.59 -15.62 21.55
N ILE A 73 7.61 -14.76 21.30
CA ILE A 73 7.84 -13.44 20.72
C ILE A 73 7.38 -12.37 21.69
N THR A 74 8.27 -11.41 21.98
CA THR A 74 8.05 -10.47 23.08
C THR A 74 8.39 -9.03 22.70
N ARG A 75 7.78 -8.08 23.41
CA ARG A 75 8.09 -6.66 23.28
C ARG A 75 9.16 -6.25 24.27
N ARG A 76 9.34 -7.06 25.32
CA ARG A 76 10.32 -6.75 26.35
C ARG A 76 11.72 -7.04 25.84
N SER A 77 12.72 -6.45 26.47
CA SER A 77 14.09 -6.56 25.99
C SER A 77 14.67 -7.95 26.27
N VAL A 78 15.13 -8.60 25.20
CA VAL A 78 15.72 -9.92 25.27
C VAL A 78 17.05 -9.90 26.05
N GLU A 79 17.76 -8.79 25.95
CA GLU A 79 19.07 -8.63 26.57
C GLU A 79 19.00 -8.71 28.09
N ASN A 80 17.88 -8.27 28.67
CA ASN A 80 17.74 -8.17 30.13
C ASN A 80 16.93 -9.31 30.75
N ILE A 81 16.74 -10.40 30.01
CA ILE A 81 15.94 -11.52 30.50
C ILE A 81 16.55 -12.16 31.76
N TYR A 82 17.87 -12.11 31.87
CA TYR A 82 18.56 -12.70 33.01
C TYR A 82 18.23 -11.99 34.33
N LEU A 83 17.63 -10.80 34.23
CA LEU A 83 17.28 -10.02 35.42
C LEU A 83 15.85 -10.29 35.90
N LEU A 84 15.09 -11.05 35.13
CA LEU A 84 13.70 -11.34 35.47
C LEU A 84 13.62 -12.41 36.57
N LYS A 85 12.49 -12.47 37.24
CA LYS A 85 12.25 -13.50 38.25
C LYS A 85 12.16 -14.86 37.57
N ASP A 86 12.49 -15.91 38.32
CA ASP A 86 12.49 -17.27 37.79
C ASP A 86 11.13 -17.72 37.28
N THR A 87 10.06 -17.11 37.79
CA THR A 87 8.69 -17.46 37.41
C THR A 87 8.31 -16.86 36.06
N ASP A 88 9.05 -15.83 35.64
CA ASP A 88 8.79 -15.17 34.37
C ASP A 88 9.02 -16.15 33.22
N ILE A 89 8.11 -16.15 32.25
CA ILE A 89 8.13 -17.17 31.21
C ILE A 89 9.29 -16.93 30.22
N LEU A 90 9.75 -15.68 30.13
CA LEU A 90 10.94 -15.38 29.35
C LEU A 90 12.15 -16.04 30.00
N SER A 91 12.25 -15.92 31.33
CA SER A 91 13.31 -16.58 32.08
C SER A 91 13.27 -18.09 31.88
N ARG A 92 12.06 -18.66 31.98
CA ARG A 92 11.90 -20.11 31.83
C ARG A 92 12.18 -20.55 30.39
N ALA A 93 11.77 -19.74 29.43
CA ALA A 93 11.98 -20.04 28.03
C ALA A 93 13.47 -20.13 27.68
N LYS A 94 14.25 -19.14 28.12
CA LYS A 94 15.67 -19.09 27.79
C LYS A 94 16.43 -20.25 28.44
N LYS A 95 16.09 -20.58 29.67
CA LYS A 95 16.84 -21.58 30.40
C LYS A 95 16.50 -22.97 29.86
N ASN A 96 15.37 -23.08 29.17
CA ASN A 96 15.03 -24.32 28.48
C ASN A 96 15.45 -24.31 27.01
N TYR A 97 16.24 -23.30 26.65
CA TYR A 97 16.78 -23.17 25.30
C TYR A 97 15.67 -23.08 24.26
N MET A 98 14.65 -22.29 24.58
CA MET A 98 13.59 -21.96 23.64
C MET A 98 13.94 -20.66 22.90
N LYS A 99 13.48 -20.55 21.66
CA LYS A 99 13.66 -19.33 20.89
C LYS A 99 12.87 -18.18 21.51
N VAL A 100 13.57 -17.07 21.77
CA VAL A 100 12.93 -15.84 22.25
C VAL A 100 13.22 -14.68 21.28
N TRP A 101 12.23 -14.32 20.48
CA TRP A 101 12.40 -13.30 19.45
C TRP A 101 11.78 -11.96 19.85
N SER A 102 12.43 -10.89 19.42
CA SER A 102 11.85 -9.55 19.51
C SER A 102 10.82 -9.39 18.40
N TYR A 103 9.92 -8.44 18.56
CA TYR A 103 8.97 -8.10 17.49
C TYR A 103 9.69 -7.78 16.19
N GLU A 104 10.84 -7.12 16.29
CA GLU A 104 11.61 -6.73 15.10
C GLU A 104 12.15 -7.97 14.41
N LYS A 105 12.69 -8.90 15.19
CA LYS A 105 13.25 -10.13 14.66
C LYS A 105 12.17 -10.97 13.98
N ALA A 106 10.98 -10.98 14.56
CA ALA A 106 9.88 -11.77 14.02
C ALA A 106 9.42 -11.17 12.69
N ALA A 107 9.37 -9.84 12.62
CA ALA A 107 8.96 -9.15 11.40
C ALA A 107 10.02 -9.35 10.33
N ARG A 108 11.26 -9.37 10.78
CA ARG A 108 12.41 -9.57 9.90
C ARG A 108 12.40 -10.98 9.33
N PHE A 109 12.02 -11.94 10.17
CA PHE A 109 11.90 -13.34 9.77
C PHE A 109 10.78 -13.54 8.76
N LEU A 110 9.62 -12.94 9.03
CA LEU A 110 8.47 -13.05 8.14
C LEU A 110 8.74 -12.42 6.78
N LYS A 111 9.53 -11.35 6.78
CA LYS A 111 9.93 -10.69 5.55
C LYS A 111 10.78 -11.64 4.71
N ASN A 112 11.65 -12.39 5.37
CA ASN A 112 12.53 -13.33 4.69
C ASN A 112 11.82 -14.61 4.24
N LEU A 113 10.56 -14.76 4.62
CA LEU A 113 9.73 -15.87 4.16
C LEU A 113 8.58 -15.38 3.28
N ASP A 114 8.75 -14.18 2.74
CA ASP A 114 7.87 -13.63 1.70
C ASP A 114 6.42 -13.40 2.16
N VAL A 115 6.25 -12.90 3.38
CA VAL A 115 4.92 -12.57 3.87
C VAL A 115 4.61 -11.09 3.63
N GLU A 137 2.57 2.22 -19.06
CA GLU A 137 4.03 2.30 -18.89
C GLU A 137 4.68 0.93 -18.95
N ASN A 138 5.99 0.93 -19.18
CA ASN A 138 6.80 -0.29 -19.16
C ASN A 138 8.05 -0.10 -18.30
N ILE A 139 8.78 -1.19 -18.09
CA ILE A 139 9.96 -1.15 -17.22
C ILE A 139 11.20 -0.67 -17.97
N VAL A 140 11.72 0.49 -17.56
CA VAL A 140 12.98 0.99 -18.11
C VAL A 140 14.12 0.16 -17.55
N CYS A 141 14.19 0.08 -16.23
CA CYS A 141 15.23 -0.67 -15.54
C CYS A 141 14.71 -1.15 -14.18
N ARG A 142 15.39 -2.15 -13.64
CA ARG A 142 15.04 -2.71 -12.32
C ARG A 142 16.09 -2.30 -11.29
N VAL A 143 15.69 -1.49 -10.33
CA VAL A 143 16.59 -1.00 -9.30
C VAL A 143 16.61 -1.94 -8.10
N ILE A 144 17.81 -2.39 -7.73
CA ILE A 144 17.98 -3.33 -6.63
C ILE A 144 18.93 -2.81 -5.57
N CYS A 145 18.40 -2.55 -4.37
CA CYS A 145 19.21 -2.14 -3.25
C CYS A 145 19.82 -3.37 -2.58
N THR A 146 21.11 -3.59 -2.81
CA THR A 146 21.78 -4.80 -2.34
C THR A 146 22.30 -4.67 -0.92
N THR A 147 22.21 -3.48 -0.34
CA THR A 147 22.60 -3.27 1.04
C THR A 147 21.42 -3.48 1.98
N GLY A 148 20.23 -3.70 1.41
CA GLY A 148 19.07 -4.11 2.19
C GLY A 148 17.90 -3.14 2.27
N GLN A 149 18.21 -1.89 2.62
CA GLN A 149 17.21 -0.94 3.11
C GLN A 149 15.93 -0.83 2.29
N ILE A 150 16.04 -0.86 0.97
CA ILE A 150 14.91 -0.55 0.09
C ILE A 150 14.45 -1.78 -0.70
N PRO A 151 13.12 -2.01 -0.76
CA PRO A 151 12.62 -3.16 -1.53
C PRO A 151 12.88 -2.98 -3.02
N ILE A 152 12.73 -4.06 -3.79
CA ILE A 152 12.99 -3.99 -5.22
C ILE A 152 11.91 -3.16 -5.94
N ARG A 153 12.35 -2.10 -6.60
CA ARG A 153 11.47 -1.17 -7.29
C ARG A 153 11.80 -1.13 -8.79
N ASP A 154 10.83 -0.70 -9.59
CA ASP A 154 11.03 -0.57 -11.04
C ASP A 154 10.82 0.87 -11.50
N LEU A 155 11.51 1.23 -12.58
CA LEU A 155 11.36 2.54 -13.20
C LEU A 155 10.46 2.43 -14.42
N SER A 156 9.44 3.28 -14.47
CA SER A 156 8.38 3.18 -15.47
C SER A 156 8.32 4.41 -16.37
N ALA A 157 7.99 4.18 -17.65
CA ALA A 157 7.84 5.28 -18.61
C ALA A 157 6.90 4.88 -19.75
N ASP A 158 5.94 5.76 -20.04
CA ASP A 158 5.00 5.54 -21.14
C ASP A 158 5.77 5.56 -22.47
N ILE A 159 5.78 4.43 -23.17
CA ILE A 159 6.59 4.26 -24.36
C ILE A 159 6.14 5.14 -25.52
N SER A 160 4.84 5.15 -25.80
CA SER A 160 4.27 5.92 -26.89
C SER A 160 4.51 7.42 -26.64
N GLN A 161 4.41 7.82 -25.38
CA GLN A 161 4.66 9.20 -24.99
C GLN A 161 6.15 9.53 -25.11
N VAL A 162 7.00 8.54 -24.85
CA VAL A 162 8.44 8.72 -24.86
C VAL A 162 8.94 8.99 -26.27
N LEU A 163 8.49 8.18 -27.23
CA LEU A 163 8.88 8.35 -28.62
C LEU A 163 8.26 9.62 -29.21
N LYS A 164 7.19 10.09 -28.58
CA LYS A 164 6.50 11.29 -29.02
C LYS A 164 7.35 12.53 -28.71
N GLU A 165 8.00 12.52 -27.56
CA GLU A 165 8.82 13.64 -27.12
C GLU A 165 9.98 13.91 -28.10
N LYS A 166 10.23 15.19 -28.37
CA LYS A 166 11.27 15.61 -29.30
C LYS A 166 12.52 16.06 -28.56
N ARG A 167 12.32 16.71 -27.41
CA ARG A 167 13.40 17.06 -26.50
C ARG A 167 14.39 15.89 -26.32
N SER A 168 15.65 16.21 -26.03
CA SER A 168 16.68 15.20 -25.90
C SER A 168 16.47 14.30 -24.68
N ILE A 169 16.07 14.91 -23.56
CA ILE A 169 15.76 14.16 -22.35
C ILE A 169 14.28 13.79 -22.33
N LYS A 170 14.01 12.49 -22.31
CA LYS A 170 12.66 11.96 -22.47
C LYS A 170 11.90 11.94 -21.15
N LYS A 171 12.43 11.22 -20.17
CA LYS A 171 11.85 11.18 -18.83
C LYS A 171 12.95 11.40 -17.80
N VAL A 172 12.54 11.79 -16.58
CA VAL A 172 13.49 12.11 -15.53
C VAL A 172 13.01 11.64 -14.16
N TRP A 173 13.65 10.60 -13.64
CA TRP A 173 13.37 10.12 -12.29
C TRP A 173 14.33 10.78 -11.31
N THR A 174 13.80 11.19 -10.16
CA THR A 174 14.60 11.82 -9.13
C THR A 174 14.73 10.90 -7.92
N PHE A 175 15.94 10.77 -7.40
CA PHE A 175 16.22 9.99 -6.21
C PHE A 175 16.57 10.95 -5.08
N GLY A 176 16.15 10.66 -3.86
CA GLY A 176 16.49 11.55 -2.76
C GLY A 176 15.87 11.23 -1.41
N ARG A 177 16.29 12.02 -0.41
CA ARG A 177 15.81 11.91 0.96
C ARG A 177 14.33 12.26 1.06
N ASN A 178 13.87 13.11 0.14
CA ASN A 178 12.48 13.53 0.12
C ASN A 178 11.56 12.39 -0.29
N PRO A 179 10.52 12.10 0.52
CA PRO A 179 9.56 11.07 0.06
C PRO A 179 8.63 11.57 -1.04
N ALA A 180 8.93 12.74 -1.61
CA ALA A 180 8.19 13.26 -2.74
C ALA A 180 8.87 12.92 -4.06
N CYS A 181 10.04 12.30 -3.98
CA CYS A 181 10.82 11.93 -5.16
C CYS A 181 10.26 10.68 -5.82
N ASP A 182 10.61 10.47 -7.09
CA ASP A 182 10.19 9.28 -7.82
C ASP A 182 10.80 8.01 -7.21
N TYR A 183 11.87 8.20 -6.44
CA TYR A 183 12.53 7.10 -5.74
C TYR A 183 13.00 7.58 -4.37
N HIS A 184 12.40 7.04 -3.32
CA HIS A 184 12.76 7.44 -1.94
C HIS A 184 13.95 6.64 -1.42
N LEU A 185 15.03 7.35 -1.10
CA LEU A 185 16.23 6.70 -0.59
C LEU A 185 16.20 6.53 0.92
N GLY A 186 15.11 6.98 1.55
CA GLY A 186 14.96 6.88 3.00
C GLY A 186 15.37 8.17 3.70
N ASN A 187 15.18 8.20 5.02
CA ASN A 187 15.57 9.34 5.83
C ASN A 187 17.00 9.19 6.36
N ILE A 188 17.97 9.44 5.50
CA ILE A 188 19.38 9.26 5.85
C ILE A 188 20.07 10.58 6.20
N SER A 189 21.11 10.50 7.02
CA SER A 189 21.77 11.68 7.57
C SER A 189 22.34 12.60 6.47
N ARG A 190 23.25 12.07 5.66
CA ARG A 190 24.04 12.89 4.75
C ARG A 190 23.52 12.88 3.30
N LEU A 191 22.27 12.50 3.10
CA LEU A 191 21.66 12.52 1.78
C LEU A 191 21.08 13.90 1.47
N SER A 192 20.37 14.01 0.36
CA SER A 192 19.75 15.28 -0.05
C SER A 192 18.30 15.04 -0.45
N ASN A 193 17.46 16.05 -0.24
CA ASN A 193 16.06 15.98 -0.66
C ASN A 193 15.97 15.59 -2.14
N LYS A 194 16.83 16.22 -2.94
CA LYS A 194 17.06 15.79 -4.32
C LYS A 194 18.54 15.43 -4.44
N HIS A 195 18.84 14.14 -4.46
CA HIS A 195 20.23 13.68 -4.40
C HIS A 195 20.82 13.50 -5.79
N PHE A 196 20.19 12.65 -6.59
CA PHE A 196 20.64 12.46 -7.97
C PHE A 196 19.47 12.10 -8.86
N GLN A 197 19.73 12.00 -10.17
CA GLN A 197 18.69 11.74 -11.15
C GLN A 197 19.10 10.67 -12.13
N ILE A 198 18.11 9.91 -12.60
CA ILE A 198 18.28 9.02 -13.75
C ILE A 198 17.49 9.60 -14.93
N LEU A 199 18.21 10.01 -15.97
CA LEU A 199 17.58 10.64 -17.13
C LEU A 199 17.49 9.64 -18.27
N LEU A 200 16.35 9.64 -18.95
CA LEU A 200 16.17 8.83 -20.15
C LEU A 200 16.43 9.70 -21.38
N GLY A 201 17.41 9.30 -22.18
CA GLY A 201 17.79 10.06 -23.36
C GLY A 201 17.30 9.42 -24.64
N GLU A 202 17.64 10.04 -25.77
CA GLU A 202 17.27 9.51 -27.08
C GLU A 202 17.93 8.15 -27.30
N ASP A 203 17.27 7.30 -28.09
CA ASP A 203 17.83 6.00 -28.47
C ASP A 203 17.92 5.04 -27.28
N GLY A 204 17.08 5.25 -26.27
CA GLY A 204 16.92 4.29 -25.19
C GLY A 204 18.11 4.15 -24.25
N ASN A 205 18.84 5.24 -24.03
CA ASN A 205 19.97 5.23 -23.10
C ASN A 205 19.62 5.91 -21.78
N LEU A 206 19.96 5.25 -20.67
CA LEU A 206 19.83 5.84 -19.36
C LEU A 206 21.15 6.50 -18.95
N LEU A 207 21.06 7.61 -18.24
CA LEU A 207 22.26 8.27 -17.70
C LEU A 207 22.02 8.85 -16.32
N LEU A 208 23.12 9.12 -15.63
CA LEU A 208 23.09 9.50 -14.22
C LEU A 208 23.53 10.95 -14.04
N ASN A 209 22.90 11.62 -13.07
CA ASN A 209 23.20 13.02 -12.80
C ASN A 209 23.19 13.32 -11.30
N ASP A 210 24.36 13.56 -10.73
CA ASP A 210 24.47 13.93 -9.33
C ASP A 210 24.14 15.40 -9.14
N ILE A 211 23.25 15.69 -8.19
CA ILE A 211 22.96 17.07 -7.80
C ILE A 211 23.04 17.22 -6.28
N SER A 212 23.47 16.17 -5.61
CA SER A 212 23.61 16.19 -4.16
C SER A 212 24.72 17.14 -3.75
N THR A 213 24.91 17.30 -2.44
CA THR A 213 25.94 18.17 -1.90
C THR A 213 27.03 17.35 -1.21
N ASN A 214 26.75 16.08 -0.93
CA ASN A 214 27.71 15.19 -0.27
C ASN A 214 28.28 14.12 -1.20
N GLY A 215 27.59 13.85 -2.31
CA GLY A 215 28.18 13.06 -3.38
C GLY A 215 27.40 11.85 -3.87
N THR A 216 27.79 11.39 -5.06
CA THR A 216 27.26 10.17 -5.66
C THR A 216 28.40 9.38 -6.29
N TRP A 217 28.32 8.05 -6.21
CA TRP A 217 29.36 7.18 -6.78
C TRP A 217 28.77 6.22 -7.81
N LEU A 218 29.56 5.93 -8.84
CA LEU A 218 29.19 4.96 -9.85
C LEU A 218 30.32 3.95 -9.99
N ASN A 219 30.03 2.70 -9.67
CA ASN A 219 31.05 1.65 -9.66
C ASN A 219 32.28 2.07 -8.86
N GLY A 220 32.05 2.67 -7.70
CA GLY A 220 33.12 3.00 -6.78
C GLY A 220 33.77 4.33 -7.08
N GLN A 221 33.41 4.93 -8.20
CA GLN A 221 34.02 6.19 -8.65
C GLN A 221 33.05 7.36 -8.50
N LYS A 222 33.49 8.41 -7.81
CA LYS A 222 32.65 9.59 -7.59
C LYS A 222 32.39 10.32 -8.89
N VAL A 223 31.10 10.47 -9.22
CA VAL A 223 30.70 11.11 -10.46
C VAL A 223 30.73 12.63 -10.33
N GLU A 224 30.95 13.32 -11.45
CA GLU A 224 31.01 14.78 -11.45
C GLU A 224 29.61 15.37 -11.28
N LYS A 225 29.50 16.30 -10.33
CA LYS A 225 28.22 16.96 -10.04
C LYS A 225 27.71 17.72 -11.25
N ASN A 226 26.40 17.61 -11.51
CA ASN A 226 25.76 18.28 -12.63
C ASN A 226 26.40 17.93 -13.98
N SER A 227 26.70 16.64 -14.16
CA SER A 227 27.22 16.13 -15.42
C SER A 227 26.63 14.76 -15.69
N ASN A 228 26.09 14.57 -16.89
CA ASN A 228 25.39 13.34 -17.23
C ASN A 228 26.35 12.21 -17.59
N GLN A 229 26.37 11.17 -16.76
CA GLN A 229 27.21 10.01 -16.99
C GLN A 229 26.39 8.84 -17.51
N LEU A 230 26.89 8.16 -18.53
CA LEU A 230 26.16 7.06 -19.14
C LEU A 230 26.15 5.82 -18.24
N LEU A 231 24.96 5.31 -17.94
CA LEU A 231 24.81 4.10 -17.14
C LEU A 231 24.87 2.85 -18.01
N SER A 232 25.42 1.78 -17.44
CA SER A 232 25.54 0.50 -18.14
C SER A 232 24.94 -0.61 -17.29
N GLN A 233 24.83 -1.80 -17.88
CA GLN A 233 24.27 -2.96 -17.20
C GLN A 233 25.02 -3.25 -15.89
N GLY A 234 24.26 -3.46 -14.83
CA GLY A 234 24.81 -3.85 -13.55
C GLY A 234 25.64 -2.76 -12.90
N ASP A 235 25.49 -1.53 -13.39
CA ASP A 235 26.17 -0.40 -12.78
C ASP A 235 25.63 -0.16 -11.37
N GLU A 236 26.55 0.11 -10.44
CA GLU A 236 26.22 0.23 -9.02
C GLU A 236 26.32 1.68 -8.54
N ILE A 237 25.17 2.27 -8.22
CA ILE A 237 25.13 3.63 -7.69
C ILE A 237 25.24 3.60 -6.17
N THR A 238 26.27 4.25 -5.63
CA THR A 238 26.51 4.26 -4.19
C THR A 238 26.46 5.68 -3.62
N VAL A 239 25.62 5.89 -2.62
CA VAL A 239 25.52 7.18 -1.94
C VAL A 239 25.72 7.00 -0.44
N GLY A 240 25.92 8.11 0.27
CA GLY A 240 26.12 8.06 1.70
C GLY A 240 27.48 7.53 2.08
N VAL A 241 28.42 7.54 1.13
CA VAL A 241 29.80 7.15 1.39
C VAL A 241 30.35 7.99 2.55
N GLY A 242 31.06 7.34 3.46
CA GLY A 242 31.65 8.02 4.60
C GLY A 242 31.08 7.62 5.93
N VAL A 243 29.93 6.98 5.91
CA VAL A 243 29.31 6.43 7.11
C VAL A 243 28.74 5.07 6.74
N GLU A 244 29.26 4.02 7.36
CA GLU A 244 28.94 2.66 6.96
C GLU A 244 27.50 2.26 7.26
N SER A 245 26.76 3.12 7.94
CA SER A 245 25.35 2.86 8.27
C SER A 245 24.41 3.51 7.26
N ASP A 246 24.77 4.70 6.80
CA ASP A 246 23.96 5.45 5.84
C ASP A 246 24.22 4.99 4.40
N ILE A 247 25.25 4.19 4.22
CA ILE A 247 25.64 3.68 2.90
C ILE A 247 24.48 3.00 2.19
N LEU A 248 24.45 3.13 0.86
CA LEU A 248 23.32 2.65 0.07
C LEU A 248 23.78 2.35 -1.36
N SER A 249 23.63 1.11 -1.78
CA SER A 249 24.07 0.69 -3.11
C SER A 249 22.92 0.18 -3.96
N LEU A 250 22.65 0.87 -5.07
CA LEU A 250 21.66 0.43 -6.04
C LEU A 250 22.37 -0.17 -7.24
N VAL A 251 21.87 -1.28 -7.74
CA VAL A 251 22.34 -1.86 -9.00
C VAL A 251 21.24 -1.74 -10.03
N ILE A 252 21.57 -1.22 -11.21
CA ILE A 252 20.58 -1.00 -12.25
C ILE A 252 20.63 -2.11 -13.27
N PHE A 253 19.51 -2.78 -13.46
CA PHE A 253 19.38 -3.82 -14.48
C PHE A 253 18.44 -3.33 -15.57
N ILE A 254 19.04 -2.90 -16.66
CA ILE A 254 18.32 -2.20 -17.73
C ILE A 254 17.58 -3.19 -18.62
N ASN A 255 16.30 -2.93 -18.85
CA ASN A 255 15.48 -3.79 -19.69
C ASN A 255 15.88 -3.68 -21.16
N ASP A 256 16.18 -4.82 -21.77
CA ASP A 256 16.64 -4.84 -23.16
C ASP A 256 15.50 -4.63 -24.15
N LYS A 257 14.29 -5.05 -23.77
CA LYS A 257 13.13 -4.93 -24.62
C LYS A 257 12.80 -3.47 -24.91
N PHE A 258 13.07 -2.60 -23.93
CA PHE A 258 12.79 -1.18 -24.05
C PHE A 258 13.50 -0.55 -25.25
N LYS A 259 14.83 -0.69 -25.28
CA LYS A 259 15.63 -0.16 -26.38
C LYS A 259 15.44 -0.98 -27.65
N GLN A 260 15.13 -2.28 -27.48
CA GLN A 260 14.93 -3.18 -28.60
C GLN A 260 13.61 -2.92 -29.34
N CYS A 261 12.81 -2.02 -28.78
CA CYS A 261 11.53 -1.61 -29.39
C CYS A 261 11.41 -0.08 -29.47
N LEU A 262 12.48 0.62 -29.11
CA LEU A 262 12.48 2.07 -29.11
C LEU A 262 13.15 2.61 -30.38
N HIS B 2 -24.92 11.97 -3.60
CA HIS B 2 -25.89 11.08 -4.25
C HIS B 2 -25.22 10.16 -5.28
N MET B 3 -23.89 10.11 -5.23
CA MET B 3 -23.13 9.09 -5.95
C MET B 3 -22.81 7.97 -4.96
N THR B 4 -22.62 6.76 -5.46
CA THR B 4 -22.21 5.66 -4.60
C THR B 4 -20.76 5.88 -4.19
N PRO B 5 -20.35 5.31 -3.04
CA PRO B 5 -18.95 5.49 -2.63
C PRO B 5 -17.98 5.01 -3.70
N LYS B 6 -18.37 4.01 -4.49
CA LYS B 6 -17.49 3.47 -5.52
C LYS B 6 -17.42 4.43 -6.72
N GLU B 7 -18.60 4.92 -7.15
CA GLU B 7 -18.68 5.84 -8.29
C GLU B 7 -17.88 7.10 -8.02
N LEU B 8 -18.06 7.65 -6.82
CA LEU B 8 -17.38 8.87 -6.42
C LEU B 8 -15.87 8.65 -6.37
N LEU B 9 -15.46 7.44 -6.02
CA LEU B 9 -14.06 7.08 -6.00
C LEU B 9 -13.50 7.01 -7.41
N GLU B 10 -14.28 6.42 -8.32
CA GLU B 10 -13.86 6.30 -9.72
C GLU B 10 -13.82 7.68 -10.36
N TRP B 11 -14.72 8.56 -9.94
CA TRP B 11 -14.75 9.93 -10.40
C TRP B 11 -13.47 10.66 -10.01
N GLN B 12 -13.02 10.43 -8.78
CA GLN B 12 -11.82 11.08 -8.25
C GLN B 12 -10.56 10.55 -8.91
N THR B 13 -10.48 9.24 -9.05
CA THR B 13 -9.31 8.59 -9.64
C THR B 13 -9.07 9.13 -11.06
N ASN B 14 -10.15 9.32 -11.81
CA ASN B 14 -10.05 9.82 -13.17
C ASN B 14 -9.59 11.27 -13.23
N TRP B 15 -10.22 12.14 -12.43
CA TRP B 15 -9.86 13.55 -12.41
C TRP B 15 -8.42 13.74 -11.96
N LYS B 16 -7.99 12.93 -10.99
CA LYS B 16 -6.61 12.98 -10.52
C LYS B 16 -5.66 12.70 -11.67
N LYS B 17 -6.12 11.88 -12.61
CA LYS B 17 -5.31 11.52 -13.76
C LYS B 17 -5.34 12.62 -14.83
N ILE B 18 -6.50 13.24 -15.02
CA ILE B 18 -6.62 14.35 -15.97
C ILE B 18 -5.75 15.52 -15.55
N MET B 19 -5.85 15.88 -14.26
CA MET B 19 -5.06 16.98 -13.69
C MET B 19 -3.57 16.76 -13.84
N LYS B 20 -3.16 15.54 -13.51
CA LYS B 20 -1.76 15.14 -13.51
C LYS B 20 -1.15 15.24 -14.90
N ARG B 21 -1.92 14.88 -15.92
CA ARG B 21 -1.37 14.66 -17.25
C ARG B 21 -1.51 15.82 -18.24
N ASP B 22 -2.72 16.41 -18.31
CA ASP B 22 -3.05 17.31 -19.41
C ASP B 22 -4.00 18.47 -19.05
N SER B 23 -4.12 18.82 -17.78
CA SER B 23 -4.90 20.01 -17.40
C SER B 23 -4.01 21.25 -17.44
N ARG B 24 -4.50 22.28 -18.12
CA ARG B 24 -3.83 23.57 -18.20
C ARG B 24 -4.75 24.66 -17.64
N ILE B 25 -4.33 25.25 -16.53
CA ILE B 25 -5.21 26.14 -15.78
C ILE B 25 -4.73 27.58 -15.84
N TYR B 26 -5.67 28.47 -16.19
CA TYR B 26 -5.41 29.91 -16.25
C TYR B 26 -6.26 30.67 -15.26
N PHE B 27 -5.61 31.47 -14.41
CA PHE B 27 -6.34 32.32 -13.47
C PHE B 27 -6.61 33.69 -14.08
N ASP B 28 -7.89 34.09 -14.04
CA ASP B 28 -8.32 35.37 -14.58
C ASP B 28 -7.69 36.50 -13.78
N ILE B 29 -6.99 37.40 -14.48
CA ILE B 29 -6.31 38.52 -13.83
C ILE B 29 -7.24 39.71 -13.63
N THR B 30 -8.28 39.80 -14.46
CA THR B 30 -9.29 40.82 -14.30
C THR B 30 -10.16 40.49 -13.09
N ASP B 31 -10.16 41.38 -12.11
CA ASP B 31 -10.92 41.19 -10.88
C ASP B 31 -12.05 42.20 -10.81
N ASP B 32 -13.15 41.82 -10.16
CA ASP B 32 -14.27 42.73 -9.98
C ASP B 32 -13.84 43.86 -9.03
N VAL B 33 -14.35 45.07 -9.25
CA VAL B 33 -13.97 46.21 -8.42
C VAL B 33 -14.53 46.05 -7.01
N GLU B 34 -13.64 46.11 -6.02
CA GLU B 34 -13.99 45.88 -4.62
C GLU B 34 -13.50 47.03 -3.73
N MET B 35 -14.41 47.55 -2.91
CA MET B 35 -14.10 48.66 -2.02
C MET B 35 -13.40 48.17 -0.76
N ASN B 36 -13.82 46.99 -0.28
CA ASN B 36 -13.21 46.40 0.92
C ASN B 36 -11.80 45.88 0.61
N THR B 37 -10.79 46.61 1.08
CA THR B 37 -9.40 46.22 0.88
C THR B 37 -9.10 44.92 1.64
N TYR B 38 -9.78 44.74 2.77
CA TYR B 38 -9.63 43.55 3.61
C TYR B 38 -10.09 42.29 2.88
N ASN B 39 -11.20 42.41 2.16
CA ASN B 39 -11.77 41.29 1.42
C ASN B 39 -11.00 41.00 0.14
N LYS B 40 -10.35 42.02 -0.41
CA LYS B 40 -9.56 41.89 -1.63
C LYS B 40 -8.26 41.12 -1.34
N SER B 41 -7.64 41.44 -0.22
CA SER B 41 -6.42 40.76 0.19
C SER B 41 -6.70 39.30 0.52
N LYS B 42 -7.84 39.05 1.15
CA LYS B 42 -8.26 37.70 1.50
C LYS B 42 -8.45 36.85 0.24
N MET B 43 -9.02 37.45 -0.80
CA MET B 43 -9.27 36.74 -2.05
C MET B 43 -8.00 36.60 -2.88
N ASP B 44 -7.07 37.54 -2.72
CA ASP B 44 -5.80 37.45 -3.41
C ASP B 44 -4.91 36.38 -2.80
N LYS B 45 -5.11 36.11 -1.51
CA LYS B 45 -4.39 35.06 -0.82
C LYS B 45 -5.09 33.72 -1.03
N ARG B 46 -6.38 33.80 -1.36
CA ARG B 46 -7.16 32.61 -1.69
C ARG B 46 -6.77 32.10 -3.07
N ARG B 47 -6.47 33.03 -3.97
CA ARG B 47 -6.03 32.68 -5.32
C ARG B 47 -4.70 31.94 -5.25
N ASP B 48 -3.83 32.35 -4.33
CA ASP B 48 -2.54 31.70 -4.16
C ASP B 48 -2.72 30.28 -3.62
N LEU B 49 -3.69 30.10 -2.74
CA LEU B 49 -3.96 28.77 -2.16
C LEU B 49 -4.41 27.79 -3.23
N LEU B 50 -5.29 28.24 -4.11
CA LEU B 50 -5.81 27.40 -5.17
C LEU B 50 -4.68 27.04 -6.14
N LYS B 51 -3.87 28.03 -6.51
CA LYS B 51 -2.72 27.78 -7.37
C LYS B 51 -1.80 26.73 -6.74
N ARG B 52 -1.60 26.83 -5.44
CA ARG B 52 -0.76 25.87 -4.71
C ARG B 52 -1.40 24.49 -4.73
N GLY B 53 -2.73 24.46 -4.71
CA GLY B 53 -3.46 23.20 -4.68
C GLY B 53 -3.37 22.46 -6.00
N PHE B 54 -3.51 23.18 -7.10
CA PHE B 54 -3.49 22.54 -8.40
C PHE B 54 -2.09 22.07 -8.76
N LEU B 55 -1.08 22.81 -8.31
CA LEU B 55 0.30 22.37 -8.48
C LEU B 55 0.52 21.06 -7.70
N THR B 56 -0.12 20.96 -6.54
CA THR B 56 -0.02 19.78 -5.69
C THR B 56 -0.62 18.56 -6.40
N LEU B 57 -1.50 18.81 -7.36
CA LEU B 57 -2.12 17.75 -8.16
C LEU B 57 -1.35 17.49 -9.45
N GLY B 58 -0.25 18.22 -9.66
CA GLY B 58 0.55 18.04 -10.85
C GLY B 58 -0.01 18.73 -12.08
N ALA B 59 -0.83 19.75 -11.86
CA ALA B 59 -1.43 20.51 -12.95
C ALA B 59 -0.51 21.64 -13.37
N GLN B 60 -0.53 21.98 -14.64
CA GLN B 60 0.20 23.14 -15.13
C GLN B 60 -0.67 24.39 -15.01
N ILE B 61 -0.06 25.46 -14.54
CA ILE B 61 -0.71 26.75 -14.44
C ILE B 61 -0.02 27.73 -15.39
N THR B 62 -0.81 28.52 -16.10
CA THR B 62 -0.30 29.45 -17.10
C THR B 62 -0.66 30.89 -16.77
N GLN B 63 0.21 31.80 -17.19
CA GLN B 63 0.01 33.23 -16.98
C GLN B 63 -0.61 33.86 -18.22
N PHE B 64 -0.90 33.04 -19.24
CA PHE B 64 -1.50 33.54 -20.47
C PHE B 64 -2.69 32.72 -20.91
N PHE B 65 -3.78 33.40 -21.25
CA PHE B 65 -4.98 32.76 -21.75
C PHE B 65 -4.78 32.26 -23.17
N ASP B 66 -5.43 31.15 -23.50
CA ASP B 66 -5.19 30.47 -24.77
C ASP B 66 -6.23 29.37 -24.98
N THR B 67 -6.32 28.86 -26.21
CA THR B 67 -7.19 27.74 -26.52
C THR B 67 -6.71 26.45 -25.85
N THR B 68 -5.41 26.35 -25.62
CA THR B 68 -4.83 25.16 -24.96
C THR B 68 -5.23 25.09 -23.50
N VAL B 69 -5.68 26.21 -22.95
CA VAL B 69 -6.20 26.25 -21.59
C VAL B 69 -7.42 25.35 -21.50
N THR B 70 -7.51 24.58 -20.42
CA THR B 70 -8.63 23.67 -20.22
C THR B 70 -9.58 24.20 -19.16
N ILE B 71 -9.04 24.92 -18.18
CA ILE B 71 -9.84 25.48 -17.09
C ILE B 71 -9.47 26.93 -16.81
N VAL B 72 -10.48 27.80 -16.74
CA VAL B 72 -10.31 29.19 -16.36
C VAL B 72 -10.92 29.43 -14.98
N ILE B 73 -10.14 29.95 -14.04
CA ILE B 73 -10.63 30.18 -12.69
C ILE B 73 -10.73 31.68 -12.38
N THR B 74 -11.96 32.17 -12.24
CA THR B 74 -12.21 33.61 -12.06
C THR B 74 -13.00 33.94 -10.79
N ARG B 75 -12.95 35.22 -10.42
CA ARG B 75 -13.73 35.76 -9.31
C ARG B 75 -15.01 36.40 -9.79
N ARG B 76 -15.00 36.84 -11.05
CA ARG B 76 -16.11 37.58 -11.59
C ARG B 76 -17.36 36.69 -11.72
N SER B 77 -18.52 37.32 -11.84
CA SER B 77 -19.77 36.58 -11.93
C SER B 77 -19.76 35.68 -13.16
N VAL B 78 -19.81 34.37 -12.92
CA VAL B 78 -19.81 33.40 -14.00
C VAL B 78 -21.16 33.45 -14.75
N GLU B 79 -22.20 33.92 -14.08
CA GLU B 79 -23.54 33.98 -14.64
C GLU B 79 -23.74 35.21 -15.55
N ASN B 80 -22.95 36.26 -15.33
CA ASN B 80 -23.07 37.48 -16.11
C ASN B 80 -22.05 37.57 -17.24
N ILE B 81 -21.43 36.45 -17.58
CA ILE B 81 -20.41 36.42 -18.62
C ILE B 81 -20.97 36.84 -19.98
N TYR B 82 -22.26 36.61 -20.18
CA TYR B 82 -22.89 36.95 -21.46
C TYR B 82 -22.94 38.46 -21.70
N LEU B 83 -22.76 39.25 -20.65
CA LEU B 83 -22.80 40.72 -20.76
C LEU B 83 -21.43 41.34 -20.99
N LEU B 84 -20.38 40.51 -21.05
CA LEU B 84 -19.04 41.02 -21.26
C LEU B 84 -18.76 41.27 -22.74
N LYS B 85 -17.81 42.16 -23.00
CA LYS B 85 -17.33 42.38 -24.36
C LYS B 85 -16.80 41.09 -24.95
N ASP B 86 -16.94 40.93 -26.26
CA ASP B 86 -16.47 39.73 -26.93
C ASP B 86 -14.94 39.60 -26.90
N THR B 87 -14.26 40.63 -26.42
CA THR B 87 -12.80 40.61 -26.30
C THR B 87 -12.36 40.04 -24.95
N ASP B 88 -13.27 40.03 -23.99
CA ASP B 88 -12.98 39.49 -22.67
C ASP B 88 -12.69 37.99 -22.78
N ILE B 89 -11.71 37.51 -22.03
CA ILE B 89 -11.30 36.12 -22.14
C ILE B 89 -12.33 35.18 -21.50
N LEU B 90 -13.09 35.67 -20.53
CA LEU B 90 -14.15 34.87 -19.95
C LEU B 90 -15.25 34.64 -20.99
N SER B 91 -15.47 35.65 -21.83
CA SER B 91 -16.47 35.55 -22.88
C SER B 91 -16.00 34.60 -23.98
N ARG B 92 -14.70 34.61 -24.22
CA ARG B 92 -14.10 33.77 -25.24
C ARG B 92 -13.98 32.33 -24.75
N ALA B 93 -13.74 32.18 -23.45
CA ALA B 93 -13.61 30.86 -22.85
C ALA B 93 -14.93 30.09 -22.91
N LYS B 94 -16.00 30.73 -22.44
CA LYS B 94 -17.32 30.12 -22.43
C LYS B 94 -17.79 29.72 -23.83
N LYS B 95 -17.32 30.41 -24.86
CA LYS B 95 -17.84 30.20 -26.20
C LYS B 95 -17.00 29.24 -27.03
N ASN B 96 -15.85 28.85 -26.49
CA ASN B 96 -15.14 27.69 -26.99
C ASN B 96 -15.32 26.53 -26.03
N TYR B 97 -16.39 26.60 -25.26
CA TYR B 97 -16.81 25.53 -24.36
C TYR B 97 -15.69 25.10 -23.42
N MET B 98 -14.97 26.08 -22.91
CA MET B 98 -13.95 25.84 -21.91
C MET B 98 -14.58 25.84 -20.53
N LYS B 99 -13.85 25.31 -19.55
CA LYS B 99 -14.34 25.29 -18.17
C LYS B 99 -14.04 26.62 -17.51
N VAL B 100 -15.08 27.22 -16.93
CA VAL B 100 -14.94 28.46 -16.17
C VAL B 100 -15.49 28.28 -14.77
N TRP B 101 -14.58 28.20 -13.79
CA TRP B 101 -14.95 27.96 -12.41
C TRP B 101 -14.78 29.20 -11.54
N SER B 102 -15.72 29.41 -10.64
CA SER B 102 -15.56 30.40 -9.60
C SER B 102 -14.51 29.88 -8.60
N TYR B 103 -14.09 30.73 -7.68
CA TYR B 103 -13.14 30.33 -6.65
C TYR B 103 -13.75 29.26 -5.74
N GLU B 104 -15.02 29.44 -5.38
CA GLU B 104 -15.72 28.48 -4.55
C GLU B 104 -15.69 27.10 -5.17
N LYS B 105 -16.03 27.03 -6.46
CA LYS B 105 -16.07 25.76 -7.16
C LYS B 105 -14.70 25.11 -7.27
N ALA B 106 -13.66 25.92 -7.47
CA ALA B 106 -12.30 25.40 -7.58
C ALA B 106 -11.85 24.87 -6.23
N ALA B 107 -12.29 25.51 -5.16
CA ALA B 107 -11.97 25.07 -3.81
C ALA B 107 -12.67 23.75 -3.49
N ARG B 108 -13.91 23.63 -3.93
CA ARG B 108 -14.69 22.41 -3.69
C ARG B 108 -14.09 21.23 -4.44
N PHE B 109 -13.55 21.51 -5.62
CA PHE B 109 -12.94 20.49 -6.45
C PHE B 109 -11.69 19.95 -5.78
N LEU B 110 -10.84 20.87 -5.34
CA LEU B 110 -9.59 20.50 -4.66
C LEU B 110 -9.89 19.68 -3.41
N LYS B 111 -10.91 20.08 -2.66
CA LYS B 111 -11.31 19.37 -1.45
C LYS B 111 -11.71 17.94 -1.79
N ASN B 112 -12.47 17.77 -2.87
CA ASN B 112 -12.90 16.45 -3.32
C ASN B 112 -11.77 15.60 -3.92
N LEU B 113 -10.61 16.22 -4.12
CA LEU B 113 -9.43 15.50 -4.57
C LEU B 113 -8.39 15.43 -3.44
N ASP B 114 -8.81 15.77 -2.23
CA ASP B 114 -8.00 15.61 -1.02
C ASP B 114 -6.78 16.53 -0.97
N VAL B 115 -6.90 17.73 -1.52
CA VAL B 115 -5.85 18.73 -1.44
C VAL B 115 -6.02 19.60 -0.20
N ILE B 135 -2.96 13.65 23.45
CA ILE B 135 -1.63 13.05 23.39
C ILE B 135 -1.69 11.56 23.71
N GLY B 136 -2.11 11.23 24.92
CA GLY B 136 -2.20 9.84 25.36
C GLY B 136 -3.62 9.34 25.37
N GLU B 137 -4.44 9.83 24.44
CA GLU B 137 -5.86 9.49 24.39
C GLU B 137 -6.17 8.47 23.31
N ASN B 138 -7.08 7.56 23.62
CA ASN B 138 -7.57 6.57 22.66
C ASN B 138 -8.93 6.99 22.10
N ILE B 139 -9.27 6.44 20.93
CA ILE B 139 -10.52 6.80 20.26
C ILE B 139 -11.71 6.13 20.94
N VAL B 140 -12.67 6.96 21.36
CA VAL B 140 -13.92 6.44 21.89
C VAL B 140 -14.86 6.16 20.74
N CYS B 141 -15.01 7.13 19.85
CA CYS B 141 -15.84 6.99 18.66
C CYS B 141 -15.41 7.96 17.57
N ARG B 142 -15.73 7.61 16.33
CA ARG B 142 -15.48 8.46 15.18
C ARG B 142 -16.79 9.09 14.74
N VAL B 143 -16.78 10.42 14.59
CA VAL B 143 -17.97 11.17 14.19
C VAL B 143 -17.88 11.57 12.73
N ILE B 144 -18.88 11.15 11.96
CA ILE B 144 -18.90 11.41 10.52
C ILE B 144 -20.14 12.19 10.14
N CYS B 145 -19.94 13.47 9.81
CA CYS B 145 -21.01 14.32 9.30
C CYS B 145 -21.38 13.87 7.89
N THR B 146 -22.52 13.21 7.76
CA THR B 146 -22.94 12.68 6.47
C THR B 146 -23.52 13.77 5.60
N THR B 147 -23.88 14.88 6.23
CA THR B 147 -24.40 16.02 5.50
C THR B 147 -23.25 16.84 4.90
N GLY B 148 -22.05 16.63 5.43
CA GLY B 148 -20.83 17.08 4.78
C GLY B 148 -20.33 18.47 5.12
N GLN B 149 -21.02 19.17 6.02
CA GLN B 149 -20.59 20.50 6.42
C GLN B 149 -19.30 20.45 7.23
N ILE B 150 -18.99 19.28 7.79
CA ILE B 150 -17.92 19.15 8.77
C ILE B 150 -17.04 17.95 8.48
N PRO B 151 -15.71 18.11 8.60
CA PRO B 151 -14.82 16.97 8.35
C PRO B 151 -14.88 15.93 9.45
N ILE B 152 -14.46 14.71 9.14
CA ILE B 152 -14.46 13.62 10.10
C ILE B 152 -13.61 13.96 11.32
N ARG B 153 -14.18 13.73 12.50
CA ARG B 153 -13.51 14.01 13.77
C ARG B 153 -13.63 12.82 14.71
N ASP B 154 -12.60 12.62 15.53
CA ASP B 154 -12.59 11.55 16.53
C ASP B 154 -12.69 12.12 17.94
N LEU B 155 -13.62 11.60 18.72
CA LEU B 155 -13.71 11.92 20.14
C LEU B 155 -12.78 10.99 20.90
N SER B 156 -11.92 11.54 21.75
CA SER B 156 -10.88 10.76 22.40
C SER B 156 -10.89 10.94 23.92
N ALA B 157 -10.33 9.96 24.61
CA ALA B 157 -10.24 10.00 26.06
C ALA B 157 -9.00 9.27 26.57
N ASP B 158 -8.42 9.77 27.65
CA ASP B 158 -7.31 9.10 28.29
C ASP B 158 -7.84 7.92 29.08
N ILE B 159 -7.71 6.72 28.51
CA ILE B 159 -8.25 5.51 29.11
C ILE B 159 -7.78 5.34 30.56
N SER B 160 -6.61 5.90 30.86
CA SER B 160 -6.06 5.83 32.21
C SER B 160 -6.86 6.68 33.20
N GLN B 161 -7.17 7.92 32.79
CA GLN B 161 -7.93 8.84 33.63
C GLN B 161 -9.41 8.46 33.68
N VAL B 162 -9.81 7.57 32.78
CA VAL B 162 -11.19 7.07 32.73
C VAL B 162 -11.40 6.02 33.82
N LEU B 163 -10.44 5.10 33.93
CA LEU B 163 -10.46 4.08 34.96
C LEU B 163 -10.34 4.70 36.36
N LYS B 164 -9.59 5.80 36.44
CA LYS B 164 -9.34 6.46 37.71
C LYS B 164 -10.59 7.18 38.23
N GLU B 165 -11.37 7.75 37.31
CA GLU B 165 -12.55 8.51 37.68
C GLU B 165 -13.62 7.59 38.28
N LYS B 166 -14.01 7.86 39.52
CA LYS B 166 -14.99 7.05 40.23
C LYS B 166 -16.41 7.53 40.00
N ARG B 167 -16.55 8.73 39.44
CA ARG B 167 -17.86 9.25 39.09
C ARG B 167 -18.48 8.40 37.99
N SER B 168 -19.80 8.42 37.89
CA SER B 168 -20.52 7.61 36.90
C SER B 168 -20.25 8.11 35.47
N ILE B 169 -20.03 9.41 35.33
CA ILE B 169 -19.68 10.01 34.05
C ILE B 169 -18.18 10.27 33.98
N LYS B 170 -17.51 9.58 33.07
CA LYS B 170 -16.05 9.64 32.97
C LYS B 170 -15.57 10.85 32.19
N LYS B 171 -16.38 11.29 31.23
CA LYS B 171 -15.99 12.38 30.35
C LYS B 171 -17.19 12.96 29.60
N VAL B 172 -17.05 14.19 29.14
CA VAL B 172 -18.11 14.88 28.41
C VAL B 172 -17.57 15.56 27.15
N TRP B 173 -18.37 15.54 26.09
CA TRP B 173 -18.07 16.26 24.85
C TRP B 173 -19.23 17.16 24.50
N THR B 174 -18.98 18.46 24.47
CA THR B 174 -20.03 19.42 24.17
C THR B 174 -20.04 19.74 22.68
N PHE B 175 -21.24 19.72 22.10
CA PHE B 175 -21.46 20.08 20.71
C PHE B 175 -22.26 21.37 20.66
N GLY B 176 -21.94 22.27 19.74
CA GLY B 176 -22.70 23.49 19.62
C GLY B 176 -22.14 24.57 18.70
N ARG B 177 -22.83 25.70 18.68
CA ARG B 177 -22.47 26.84 17.83
C ARG B 177 -21.19 27.52 18.31
N ASN B 178 -20.98 27.55 19.62
CA ASN B 178 -19.80 28.15 20.22
C ASN B 178 -18.53 27.40 19.80
N PRO B 179 -17.53 28.11 19.23
CA PRO B 179 -16.31 27.41 18.83
C PRO B 179 -15.45 26.96 20.01
N ALA B 180 -15.90 27.23 21.23
CA ALA B 180 -15.21 26.75 22.43
C ALA B 180 -15.77 25.39 22.85
N CYS B 181 -16.68 24.85 22.04
CA CYS B 181 -17.21 23.51 22.25
C CYS B 181 -16.21 22.48 21.75
N ASP B 182 -16.23 21.29 22.35
CA ASP B 182 -15.35 20.20 21.93
C ASP B 182 -15.62 19.80 20.48
N TYR B 183 -16.79 20.19 19.98
CA TYR B 183 -17.18 19.90 18.60
C TYR B 183 -18.02 21.05 18.04
N HIS B 184 -17.49 21.74 17.04
CA HIS B 184 -18.19 22.88 16.45
C HIS B 184 -19.16 22.43 15.36
N LEU B 185 -20.44 22.75 15.57
CA LEU B 185 -21.49 22.39 14.61
C LEU B 185 -21.58 23.38 13.47
N GLY B 186 -20.74 24.42 13.51
CA GLY B 186 -20.84 25.52 12.58
C GLY B 186 -21.65 26.64 13.19
N ASN B 187 -21.61 27.81 12.57
CA ASN B 187 -22.33 28.98 13.08
C ASN B 187 -23.73 29.10 12.48
N ILE B 188 -24.54 28.06 12.66
CA ILE B 188 -25.93 28.08 12.20
C ILE B 188 -26.78 28.71 13.30
N SER B 189 -27.37 29.87 12.98
CA SER B 189 -28.11 30.66 13.96
C SER B 189 -29.11 29.86 14.81
N ARG B 190 -29.72 28.84 14.22
CA ARG B 190 -30.75 28.07 14.91
C ARG B 190 -30.19 26.92 15.75
N LEU B 191 -28.87 26.81 15.78
CA LEU B 191 -28.19 25.92 16.71
C LEU B 191 -27.76 26.69 17.96
N SER B 192 -28.01 26.12 19.12
CA SER B 192 -27.64 26.76 20.38
C SER B 192 -26.12 26.74 20.55
N ASN B 193 -25.59 27.72 21.29
CA ASN B 193 -24.17 27.75 21.61
C ASN B 193 -23.76 26.47 22.32
N LYS B 194 -24.69 25.92 23.08
CA LYS B 194 -24.54 24.59 23.67
C LYS B 194 -25.78 23.76 23.30
N HIS B 195 -25.61 22.85 22.34
CA HIS B 195 -26.75 22.14 21.77
C HIS B 195 -26.96 20.78 22.43
N PHE B 196 -25.97 19.90 22.36
CA PHE B 196 -26.07 18.61 23.00
C PHE B 196 -24.71 18.10 23.44
N GLN B 197 -24.73 17.12 24.34
CA GLN B 197 -23.51 16.54 24.87
C GLN B 197 -23.44 15.05 24.57
N ILE B 198 -22.23 14.52 24.49
CA ILE B 198 -22.01 13.09 24.47
C ILE B 198 -21.22 12.72 25.73
N LEU B 199 -21.80 11.85 26.54
CA LEU B 199 -21.22 11.47 27.82
C LEU B 199 -20.66 10.06 27.78
N LEU B 200 -19.56 9.84 28.50
CA LEU B 200 -18.96 8.52 28.61
C LEU B 200 -19.29 7.90 29.96
N GLY B 201 -20.21 6.95 29.97
CA GLY B 201 -20.61 6.28 31.19
C GLY B 201 -19.61 5.22 31.62
N GLU B 202 -20.04 4.33 32.50
CA GLU B 202 -19.18 3.26 32.98
C GLU B 202 -19.17 2.11 31.99
N ASP B 203 -18.13 1.29 32.09
CA ASP B 203 -17.95 0.12 31.24
C ASP B 203 -18.04 0.45 29.74
N GLY B 204 -17.75 1.70 29.41
CA GLY B 204 -17.60 2.11 28.02
C GLY B 204 -18.87 2.52 27.29
N ASN B 205 -19.94 2.82 28.03
CA ASN B 205 -21.20 3.21 27.39
C ASN B 205 -21.26 4.70 27.02
N LEU B 206 -21.88 4.99 25.89
CA LEU B 206 -22.03 6.35 25.40
C LEU B 206 -23.47 6.85 25.53
N LEU B 207 -23.61 8.08 26.00
CA LEU B 207 -24.92 8.67 26.21
C LEU B 207 -25.07 9.95 25.40
N LEU B 208 -26.29 10.22 24.96
CA LEU B 208 -26.62 11.48 24.31
C LEU B 208 -27.47 12.31 25.26
N ASN B 209 -27.16 13.60 25.35
CA ASN B 209 -27.91 14.50 26.20
C ASN B 209 -28.21 15.81 25.47
N ASP B 210 -29.49 16.03 25.21
CA ASP B 210 -29.94 17.25 24.55
C ASP B 210 -30.17 18.38 25.55
N ILE B 211 -29.56 19.52 25.28
CA ILE B 211 -29.69 20.71 26.12
C ILE B 211 -30.06 21.94 25.30
N SER B 212 -30.32 21.72 24.02
CA SER B 212 -30.60 22.81 23.10
C SER B 212 -32.00 23.39 23.31
N THR B 213 -32.32 24.41 22.52
CA THR B 213 -33.61 25.08 22.57
C THR B 213 -34.56 24.52 21.51
N ASN B 214 -34.02 24.18 20.34
CA ASN B 214 -34.81 23.76 19.19
C ASN B 214 -34.79 22.25 18.93
N GLY B 215 -33.91 21.53 19.62
CA GLY B 215 -33.99 20.08 19.69
C GLY B 215 -32.86 19.29 19.09
N THR B 216 -32.84 18.00 19.42
CA THR B 216 -31.89 17.04 18.88
C THR B 216 -32.64 15.75 18.54
N TRP B 217 -32.29 15.15 17.40
CA TRP B 217 -32.95 13.94 16.93
C TRP B 217 -31.98 12.78 16.88
N LEU B 218 -32.37 11.66 17.46
CA LEU B 218 -31.60 10.42 17.39
C LEU B 218 -32.36 9.42 16.52
N ASN B 219 -31.80 9.11 15.36
CA ASN B 219 -32.41 8.20 14.39
C ASN B 219 -33.82 8.66 14.03
N GLY B 220 -33.97 9.95 13.76
CA GLY B 220 -35.20 10.50 13.26
C GLY B 220 -36.25 10.77 14.33
N GLN B 221 -35.89 10.51 15.59
CA GLN B 221 -36.82 10.72 16.70
C GLN B 221 -36.27 11.76 17.67
N LYS B 222 -37.10 12.71 18.01
CA LYS B 222 -36.74 13.80 18.92
C LYS B 222 -36.54 13.28 20.35
N VAL B 223 -35.37 13.55 20.92
CA VAL B 223 -35.08 13.14 22.29
C VAL B 223 -35.63 14.13 23.31
N GLU B 224 -36.03 13.63 24.47
CA GLU B 224 -36.47 14.48 25.56
C GLU B 224 -35.31 15.32 26.06
N LYS B 225 -35.57 16.60 26.32
CA LYS B 225 -34.52 17.51 26.75
C LYS B 225 -34.04 17.13 28.16
N ASN B 226 -32.73 17.12 28.33
CA ASN B 226 -32.10 16.83 29.62
C ASN B 226 -32.41 15.43 30.15
N SER B 227 -32.30 14.43 29.28
CA SER B 227 -32.44 13.04 29.69
C SER B 227 -31.50 12.15 28.88
N ASN B 228 -30.51 11.59 29.56
CA ASN B 228 -29.51 10.74 28.90
C ASN B 228 -30.13 9.62 28.09
N GLN B 229 -29.73 9.52 26.83
CA GLN B 229 -30.19 8.45 25.95
C GLN B 229 -29.00 7.61 25.49
N LEU B 230 -29.14 6.30 25.60
CA LEU B 230 -28.05 5.38 25.26
C LEU B 230 -27.81 5.38 23.75
N LEU B 231 -26.56 5.61 23.35
CA LEU B 231 -26.18 5.62 21.94
C LEU B 231 -25.71 4.25 21.46
N SER B 232 -26.23 3.83 20.32
CA SER B 232 -25.90 2.54 19.74
C SER B 232 -24.89 2.70 18.61
N GLN B 233 -24.32 1.58 18.19
CA GLN B 233 -23.37 1.55 17.09
C GLN B 233 -24.04 2.05 15.80
N GLY B 234 -23.46 3.08 15.21
CA GLY B 234 -23.94 3.60 13.94
C GLY B 234 -25.18 4.47 14.04
N ASP B 235 -25.37 5.11 15.18
CA ASP B 235 -26.54 5.97 15.39
C ASP B 235 -26.34 7.34 14.76
N GLU B 236 -27.44 7.93 14.31
CA GLU B 236 -27.43 9.20 13.58
C GLU B 236 -28.06 10.31 14.41
N ILE B 237 -27.27 11.32 14.75
CA ILE B 237 -27.76 12.50 15.45
C ILE B 237 -28.03 13.62 14.45
N THR B 238 -29.17 14.29 14.61
CA THR B 238 -29.61 15.31 13.67
C THR B 238 -30.09 16.57 14.40
N VAL B 239 -29.58 17.73 13.96
CA VAL B 239 -29.97 19.02 14.52
C VAL B 239 -30.32 20.00 13.40
N GLY B 240 -31.09 21.02 13.74
CA GLY B 240 -31.43 22.05 12.78
C GLY B 240 -32.64 21.70 11.93
N VAL B 241 -33.47 20.78 12.41
CA VAL B 241 -34.66 20.38 11.69
C VAL B 241 -35.64 21.54 11.57
N GLY B 242 -36.20 21.71 10.37
CA GLY B 242 -37.10 22.81 10.09
C GLY B 242 -36.68 23.55 8.84
N VAL B 243 -35.43 23.99 8.81
CA VAL B 243 -34.83 24.55 7.60
C VAL B 243 -34.00 23.46 6.92
N GLU B 244 -34.14 23.32 5.61
CA GLU B 244 -33.45 22.28 4.87
C GLU B 244 -31.95 22.57 4.76
N SER B 245 -31.60 23.84 4.84
CA SER B 245 -30.20 24.26 4.71
C SER B 245 -29.41 24.03 5.99
N ASP B 246 -30.09 24.05 7.13
CA ASP B 246 -29.44 23.98 8.43
C ASP B 246 -29.37 22.57 8.99
N ILE B 247 -30.02 21.61 8.34
CA ILE B 247 -29.99 20.22 8.80
C ILE B 247 -28.55 19.70 8.81
N LEU B 248 -28.17 19.10 9.95
CA LEU B 248 -26.81 18.62 10.17
C LEU B 248 -26.86 17.23 10.79
N SER B 249 -26.49 16.21 10.02
CA SER B 249 -26.56 14.82 10.48
C SER B 249 -25.18 14.28 10.78
N LEU B 250 -25.00 13.76 12.00
CA LEU B 250 -23.75 13.12 12.41
C LEU B 250 -23.97 11.66 12.74
N VAL B 251 -23.26 10.78 12.05
CA VAL B 251 -23.32 9.35 12.33
C VAL B 251 -22.14 8.96 13.23
N ILE B 252 -22.43 8.20 14.27
CA ILE B 252 -21.40 7.86 15.26
C ILE B 252 -21.00 6.40 15.15
N PHE B 253 -19.69 6.17 15.08
CA PHE B 253 -19.14 4.83 14.95
C PHE B 253 -18.22 4.57 16.13
N ILE B 254 -18.74 3.83 17.10
CA ILE B 254 -18.04 3.60 18.36
C ILE B 254 -16.91 2.60 18.16
N ASN B 255 -15.72 2.95 18.63
CA ASN B 255 -14.57 2.05 18.59
C ASN B 255 -14.70 0.96 19.65
N ASP B 256 -14.93 -0.28 19.20
CA ASP B 256 -15.15 -1.40 20.12
C ASP B 256 -13.86 -1.80 20.84
N LYS B 257 -12.72 -1.26 20.38
CA LYS B 257 -11.43 -1.60 20.96
C LYS B 257 -11.18 -0.81 22.25
N PHE B 258 -11.93 0.27 22.42
CA PHE B 258 -11.82 1.09 23.62
C PHE B 258 -12.43 0.35 24.80
N LYS B 259 -13.48 -0.42 24.55
CA LYS B 259 -14.15 -1.19 25.59
C LYS B 259 -13.28 -2.37 26.02
N GLN B 260 -12.65 -3.03 25.06
CA GLN B 260 -11.77 -4.16 25.34
C GLN B 260 -10.60 -3.74 26.23
N CYS B 261 -10.07 -2.55 25.96
CA CYS B 261 -8.92 -2.05 26.71
C CYS B 261 -9.27 -1.76 28.17
N LEU B 262 -10.51 -1.34 28.43
CA LEU B 262 -10.92 -1.01 29.80
C LEU B 262 -11.63 -2.16 30.51
N GLU B 263 -11.72 -3.31 29.82
CA GLU B 263 -12.17 -4.54 30.45
C GLU B 263 -10.96 -5.34 30.97
N GLN B 264 -9.77 -4.75 30.79
CA GLN B 264 -8.52 -5.36 31.23
C GLN B 264 -7.75 -4.42 32.15
N HIS C 2 -21.57 16.36 -0.56
CA HIS C 2 -20.70 17.18 0.27
C HIS C 2 -19.58 16.36 0.91
N MET C 3 -19.85 15.09 1.15
CA MET C 3 -18.80 14.19 1.61
C MET C 3 -17.72 14.12 0.53
N THR C 4 -16.47 14.33 0.92
CA THR C 4 -15.35 14.11 0.02
C THR C 4 -15.31 12.61 -0.28
N PRO C 5 -14.77 12.22 -1.44
CA PRO C 5 -14.74 10.79 -1.79
C PRO C 5 -14.10 9.93 -0.71
N LYS C 6 -13.13 10.48 0.00
CA LYS C 6 -12.45 9.74 1.08
C LYS C 6 -13.34 9.65 2.31
N GLU C 7 -14.09 10.71 2.58
CA GLU C 7 -15.04 10.72 3.70
C GLU C 7 -16.13 9.68 3.47
N LEU C 8 -16.61 9.62 2.23
CA LEU C 8 -17.69 8.71 1.89
C LEU C 8 -17.19 7.27 1.85
N LEU C 9 -15.91 7.11 1.55
CA LEU C 9 -15.28 5.79 1.58
C LEU C 9 -15.16 5.28 3.01
N GLU C 10 -14.80 6.18 3.93
CA GLU C 10 -14.64 5.81 5.33
C GLU C 10 -16.01 5.56 5.96
N TRP C 11 -17.03 6.26 5.47
CA TRP C 11 -18.38 6.03 5.91
C TRP C 11 -18.81 4.61 5.55
N GLN C 12 -18.47 4.21 4.32
CA GLN C 12 -18.82 2.89 3.83
C GLN C 12 -18.09 1.80 4.60
N THR C 13 -16.82 2.04 4.91
CA THR C 13 -15.98 1.05 5.57
C THR C 13 -16.50 0.74 6.97
N ASN C 14 -16.91 1.79 7.68
CA ASN C 14 -17.43 1.62 9.02
C ASN C 14 -18.76 0.86 9.00
N TRP C 15 -19.62 1.19 8.05
CA TRP C 15 -20.92 0.54 7.96
C TRP C 15 -20.80 -0.94 7.60
N LYS C 16 -19.79 -1.27 6.79
CA LYS C 16 -19.54 -2.65 6.42
C LYS C 16 -19.12 -3.45 7.64
N LYS C 17 -18.29 -2.85 8.48
CA LYS C 17 -17.79 -3.53 9.67
C LYS C 17 -18.93 -3.80 10.66
N ILE C 18 -19.84 -2.83 10.79
CA ILE C 18 -20.98 -2.96 11.69
C ILE C 18 -21.91 -4.05 11.19
N MET C 19 -22.15 -4.06 9.89
CA MET C 19 -23.10 -4.99 9.30
C MET C 19 -22.66 -6.43 9.47
N LYS C 20 -21.34 -6.65 9.48
CA LYS C 20 -20.80 -7.99 9.58
C LYS C 20 -20.55 -8.40 11.04
N ARG C 21 -20.56 -7.42 11.93
CA ARG C 21 -20.20 -7.65 13.33
C ARG C 21 -21.42 -7.69 14.26
N ASP C 22 -22.23 -6.63 14.24
CA ASP C 22 -23.34 -6.52 15.20
C ASP C 22 -24.58 -5.80 14.65
N SER C 23 -24.94 -6.09 13.41
CA SER C 23 -26.21 -5.63 12.86
C SER C 23 -27.23 -6.76 12.86
N ARG C 24 -28.42 -6.47 13.39
CA ARG C 24 -29.49 -7.46 13.44
C ARG C 24 -30.79 -6.84 12.97
N ILE C 25 -31.29 -7.33 11.82
CA ILE C 25 -32.39 -6.69 11.13
C ILE C 25 -33.68 -7.49 11.26
N TYR C 26 -34.79 -6.78 11.40
CA TYR C 26 -36.11 -7.39 11.45
C TYR C 26 -37.02 -6.77 10.40
N PHE C 27 -37.60 -7.61 9.56
CA PHE C 27 -38.49 -7.14 8.50
C PHE C 27 -39.94 -7.10 8.97
N ASP C 28 -40.51 -5.90 8.98
CA ASP C 28 -41.90 -5.68 9.37
C ASP C 28 -42.84 -6.55 8.53
N ILE C 29 -43.72 -7.29 9.20
CA ILE C 29 -44.61 -8.22 8.54
C ILE C 29 -46.02 -7.65 8.32
N THR C 30 -46.23 -6.42 8.78
CA THR C 30 -47.49 -5.71 8.57
C THR C 30 -47.39 -4.79 7.34
N ASP C 31 -48.52 -4.56 6.67
CA ASP C 31 -48.54 -3.72 5.48
C ASP C 31 -49.63 -2.66 5.56
N ASP C 32 -49.61 -1.74 4.61
CA ASP C 32 -50.71 -0.78 4.45
C ASP C 32 -51.91 -1.54 3.90
N VAL C 33 -53.11 -1.10 4.26
CA VAL C 33 -54.33 -1.81 3.88
C VAL C 33 -54.78 -1.58 2.44
N GLU C 34 -53.98 -0.83 1.68
CA GLU C 34 -54.33 -0.51 0.30
C GLU C 34 -53.91 -1.59 -0.70
N MET C 35 -52.98 -2.45 -0.30
CA MET C 35 -52.36 -3.40 -1.22
C MET C 35 -53.33 -4.47 -1.68
N ASN C 36 -53.33 -4.72 -2.99
CA ASN C 36 -54.00 -5.89 -3.53
C ASN C 36 -53.12 -7.14 -3.47
N THR C 37 -53.73 -8.31 -3.59
CA THR C 37 -53.03 -9.59 -3.36
C THR C 37 -51.86 -9.76 -4.31
N TYR C 38 -52.00 -9.20 -5.50
CA TYR C 38 -50.94 -9.27 -6.50
C TYR C 38 -49.86 -8.25 -6.15
N ASN C 39 -50.29 -7.12 -5.61
CA ASN C 39 -49.37 -6.08 -5.18
C ASN C 39 -48.50 -6.57 -4.02
N LYS C 40 -49.13 -7.32 -3.11
CA LYS C 40 -48.41 -7.88 -1.97
C LYS C 40 -47.35 -8.87 -2.42
N SER C 41 -47.66 -9.61 -3.49
CA SER C 41 -46.73 -10.59 -4.04
C SER C 41 -45.49 -9.90 -4.60
N LYS C 42 -45.69 -8.74 -5.22
CA LYS C 42 -44.59 -7.96 -5.78
C LYS C 42 -43.68 -7.40 -4.69
N MET C 43 -44.30 -6.94 -3.60
CA MET C 43 -43.56 -6.41 -2.45
C MET C 43 -42.80 -7.53 -1.73
N ASP C 44 -43.45 -8.68 -1.58
CA ASP C 44 -42.85 -9.83 -0.89
C ASP C 44 -41.57 -10.31 -1.57
N LYS C 45 -41.51 -10.17 -2.90
CA LYS C 45 -40.34 -10.59 -3.65
C LYS C 45 -39.22 -9.56 -3.49
N ARG C 46 -39.60 -8.30 -3.62
CA ARG C 46 -38.69 -7.18 -3.42
C ARG C 46 -38.06 -7.25 -2.02
N ARG C 47 -38.83 -7.76 -1.07
CA ARG C 47 -38.36 -7.95 0.31
C ARG C 47 -37.33 -9.06 0.42
N ASP C 48 -37.58 -10.17 -0.25
CA ASP C 48 -36.65 -11.30 -0.26
C ASP C 48 -35.32 -10.88 -0.87
N LEU C 49 -35.38 -9.98 -1.85
CA LEU C 49 -34.19 -9.43 -2.47
C LEU C 49 -33.36 -8.65 -1.45
N LEU C 50 -34.05 -7.82 -0.67
CA LEU C 50 -33.39 -7.05 0.38
C LEU C 50 -32.75 -7.98 1.41
N LYS C 51 -33.45 -9.06 1.75
CA LYS C 51 -32.95 -10.04 2.71
C LYS C 51 -31.61 -10.64 2.27
N ARG C 52 -31.55 -11.08 1.02
CA ARG C 52 -30.35 -11.68 0.46
C ARG C 52 -29.21 -10.67 0.39
N GLY C 53 -29.55 -9.42 0.14
CA GLY C 53 -28.57 -8.35 0.09
C GLY C 53 -27.85 -8.16 1.42
N PHE C 54 -28.62 -8.01 2.50
CA PHE C 54 -28.04 -7.81 3.83
C PHE C 54 -27.24 -9.03 4.31
N LEU C 55 -27.62 -10.22 3.84
CA LEU C 55 -26.93 -11.44 4.26
C LEU C 55 -25.56 -11.56 3.60
N THR C 56 -25.39 -10.97 2.42
CA THR C 56 -24.07 -10.92 1.81
C THR C 56 -23.17 -9.99 2.62
N LEU C 57 -23.78 -8.96 3.20
CA LEU C 57 -23.07 -8.02 4.05
C LEU C 57 -22.73 -8.62 5.41
N GLY C 58 -23.20 -9.84 5.65
CA GLY C 58 -22.89 -10.55 6.88
C GLY C 58 -23.85 -10.22 8.01
N ALA C 59 -24.83 -9.37 7.73
CA ALA C 59 -25.85 -9.04 8.72
C ALA C 59 -26.71 -10.25 9.00
N GLN C 60 -27.40 -10.23 10.13
CA GLN C 60 -28.28 -11.32 10.52
C GLN C 60 -29.71 -10.82 10.55
N ILE C 61 -30.63 -11.66 10.09
CA ILE C 61 -32.05 -11.31 10.09
C ILE C 61 -32.78 -12.13 11.15
N THR C 62 -33.55 -11.45 11.98
CA THR C 62 -34.30 -12.09 13.05
C THR C 62 -35.74 -12.33 12.61
N GLN C 63 -36.31 -13.45 13.06
CA GLN C 63 -37.68 -13.81 12.71
C GLN C 63 -38.69 -12.97 13.48
N PHE C 64 -38.26 -12.39 14.60
CA PHE C 64 -39.18 -11.67 15.48
C PHE C 64 -38.58 -10.38 16.03
N PHE C 65 -39.46 -9.45 16.37
CA PHE C 65 -39.06 -8.16 16.90
C PHE C 65 -38.48 -8.30 18.30
N ASP C 66 -37.28 -8.87 18.39
CA ASP C 66 -36.70 -9.21 19.68
C ASP C 66 -35.74 -8.17 20.22
N THR C 67 -35.31 -8.41 21.45
CA THR C 67 -34.51 -7.48 22.23
C THR C 67 -33.11 -7.19 21.64
N THR C 68 -32.76 -7.82 20.52
CA THR C 68 -31.45 -7.63 19.91
C THR C 68 -31.45 -6.81 18.61
N VAL C 69 -32.62 -6.40 18.15
CA VAL C 69 -32.73 -5.76 16.84
C VAL C 69 -32.08 -4.38 16.82
N THR C 70 -31.51 -4.02 15.67
CA THR C 70 -30.86 -2.72 15.49
C THR C 70 -31.49 -1.91 14.35
N ILE C 71 -32.10 -2.59 13.40
CA ILE C 71 -32.80 -1.93 12.29
C ILE C 71 -34.11 -2.64 11.94
N VAL C 72 -35.16 -1.86 11.74
CA VAL C 72 -36.47 -2.37 11.36
C VAL C 72 -36.86 -1.87 9.98
N ILE C 73 -36.96 -2.78 9.02
CA ILE C 73 -37.22 -2.41 7.63
C ILE C 73 -38.68 -2.66 7.27
N THR C 74 -39.33 -1.66 6.69
CA THR C 74 -40.78 -1.71 6.46
C THR C 74 -41.21 -1.14 5.11
N ARG C 75 -42.47 -1.37 4.77
CA ARG C 75 -43.09 -0.79 3.58
C ARG C 75 -43.99 0.36 3.99
N ARG C 76 -44.52 0.25 5.21
CA ARG C 76 -45.47 1.21 5.71
C ARG C 76 -44.83 2.58 5.92
N SER C 77 -45.65 3.62 5.85
CA SER C 77 -45.19 4.99 5.98
C SER C 77 -44.36 5.21 7.24
N VAL C 78 -43.07 5.48 7.07
CA VAL C 78 -42.20 5.76 8.19
C VAL C 78 -42.49 7.15 8.74
N GLU C 79 -43.08 8.00 7.90
CA GLU C 79 -43.41 9.37 8.27
C GLU C 79 -44.67 9.43 9.13
N ASN C 80 -45.51 8.40 9.03
CA ASN C 80 -46.78 8.37 9.76
C ASN C 80 -46.79 7.29 10.83
N ILE C 81 -45.65 7.10 11.48
CA ILE C 81 -45.53 6.15 12.58
C ILE C 81 -46.15 6.74 13.86
N TYR C 82 -46.24 8.07 13.90
CA TYR C 82 -46.82 8.77 15.05
C TYR C 82 -48.34 8.62 15.13
N LEU C 83 -48.96 8.11 14.08
CA LEU C 83 -50.40 7.88 14.06
C LEU C 83 -50.76 6.42 14.30
N LEU C 84 -49.76 5.56 14.34
CA LEU C 84 -49.97 4.15 14.66
C LEU C 84 -50.32 4.01 16.14
N LYS C 85 -50.91 2.87 16.49
CA LYS C 85 -51.23 2.57 17.89
C LYS C 85 -49.97 2.25 18.68
N ASP C 86 -50.05 2.45 20.00
CA ASP C 86 -48.91 2.23 20.89
C ASP C 86 -48.38 0.80 20.83
N THR C 87 -49.24 -0.13 20.41
CA THR C 87 -48.88 -1.54 20.38
C THR C 87 -48.15 -1.92 19.10
N ASP C 88 -48.12 -1.02 18.13
CA ASP C 88 -47.47 -1.31 16.85
C ASP C 88 -45.96 -1.34 16.97
N ILE C 89 -45.35 -2.28 16.23
CA ILE C 89 -43.91 -2.49 16.27
C ILE C 89 -43.12 -1.27 15.83
N LEU C 90 -43.61 -0.57 14.81
CA LEU C 90 -42.92 0.60 14.29
C LEU C 90 -42.95 1.71 15.34
N SER C 91 -44.07 1.85 16.02
CA SER C 91 -44.21 2.87 17.05
C SER C 91 -43.29 2.59 18.22
N ARG C 92 -43.20 1.33 18.62
CA ARG C 92 -42.32 0.94 19.71
C ARG C 92 -40.85 1.09 19.31
N ALA C 93 -40.56 0.85 18.03
CA ALA C 93 -39.19 0.95 17.54
C ALA C 93 -38.69 2.40 17.55
N LYS C 94 -39.49 3.30 17.00
CA LYS C 94 -39.13 4.71 16.94
C LYS C 94 -39.00 5.34 18.33
N LYS C 95 -39.92 5.00 19.23
CA LYS C 95 -39.93 5.61 20.56
C LYS C 95 -38.77 5.08 21.40
N ASN C 96 -38.16 3.99 20.97
CA ASN C 96 -36.94 3.50 21.60
C ASN C 96 -35.71 3.82 20.75
N TYR C 97 -35.90 4.77 19.82
CA TYR C 97 -34.82 5.34 19.03
C TYR C 97 -34.07 4.29 18.21
N MET C 98 -34.84 3.39 17.60
CA MET C 98 -34.30 2.45 16.63
C MET C 98 -34.39 3.03 15.23
N LYS C 99 -33.56 2.52 14.34
CA LYS C 99 -33.66 2.88 12.93
C LYS C 99 -34.83 2.16 12.28
N VAL C 100 -35.65 2.93 11.56
CA VAL C 100 -36.76 2.37 10.81
C VAL C 100 -36.69 2.82 9.36
N TRP C 101 -36.10 1.98 8.52
CA TRP C 101 -35.92 2.27 7.11
C TRP C 101 -37.10 1.78 6.28
N SER C 102 -37.37 2.48 5.19
CA SER C 102 -38.30 1.97 4.18
C SER C 102 -37.51 1.06 3.25
N TYR C 103 -38.20 0.39 2.34
CA TYR C 103 -37.54 -0.51 1.40
C TYR C 103 -36.55 0.26 0.51
N GLU C 104 -36.94 1.46 0.09
CA GLU C 104 -36.08 2.29 -0.76
C GLU C 104 -34.77 2.61 -0.07
N LYS C 105 -34.85 3.07 1.18
CA LYS C 105 -33.66 3.45 1.93
C LYS C 105 -32.72 2.26 2.11
N ALA C 106 -33.30 1.10 2.40
CA ALA C 106 -32.53 -0.13 2.54
C ALA C 106 -31.84 -0.48 1.22
N ALA C 107 -32.58 -0.35 0.13
CA ALA C 107 -32.04 -0.67 -1.18
C ALA C 107 -30.92 0.29 -1.56
N ARG C 108 -31.10 1.56 -1.20
CA ARG C 108 -30.08 2.57 -1.45
C ARG C 108 -28.85 2.30 -0.58
N PHE C 109 -29.08 1.87 0.65
CA PHE C 109 -27.98 1.58 1.57
C PHE C 109 -27.16 0.38 1.08
N LEU C 110 -27.84 -0.66 0.62
CA LEU C 110 -27.16 -1.84 0.07
C LEU C 110 -26.34 -1.44 -1.16
N LYS C 111 -26.93 -0.58 -2.00
CA LYS C 111 -26.26 -0.11 -3.20
C LYS C 111 -24.97 0.64 -2.86
N ASN C 112 -25.01 1.39 -1.77
CA ASN C 112 -23.85 2.14 -1.32
C ASN C 112 -22.78 1.25 -0.71
N LEU C 113 -23.13 -0.01 -0.42
CA LEU C 113 -22.18 -0.95 0.12
C LEU C 113 -21.82 -2.03 -0.92
N ASP C 114 -21.96 -1.65 -2.18
CA ASP C 114 -21.53 -2.48 -3.31
C ASP C 114 -22.21 -3.84 -3.36
N VAL C 115 -23.45 -3.90 -2.90
CA VAL C 115 -24.25 -5.11 -3.00
C VAL C 115 -24.96 -5.16 -4.34
N ASP C 116 -24.67 -6.19 -5.12
CA ASP C 116 -25.29 -6.39 -6.43
C ASP C 116 -26.66 -7.04 -6.27
N LEU C 117 -27.71 -6.34 -6.72
CA LEU C 117 -29.08 -6.83 -6.56
C LEU C 117 -29.44 -7.96 -7.52
N ASP C 118 -28.71 -8.08 -8.62
CA ASP C 118 -29.01 -9.08 -9.63
C ASP C 118 -28.49 -10.46 -9.22
N GLY C 136 -15.37 -8.36 -27.90
CA GLY C 136 -13.95 -8.09 -28.10
C GLY C 136 -13.65 -6.63 -28.34
N GLU C 137 -14.46 -5.76 -27.73
CA GLU C 137 -14.30 -4.32 -27.88
C GLU C 137 -13.39 -3.74 -26.80
N ASN C 138 -12.92 -2.52 -27.00
CA ASN C 138 -12.16 -1.79 -26.00
C ASN C 138 -12.88 -0.50 -25.62
N ILE C 139 -12.53 0.04 -24.46
CA ILE C 139 -13.17 1.24 -23.94
C ILE C 139 -12.69 2.51 -24.63
N VAL C 140 -13.63 3.24 -25.21
CA VAL C 140 -13.33 4.52 -25.84
C VAL C 140 -13.39 5.63 -24.80
N CYS C 141 -14.44 5.63 -23.99
CA CYS C 141 -14.54 6.58 -22.89
C CYS C 141 -15.43 6.06 -21.77
N ARG C 142 -15.19 6.56 -20.57
CA ARG C 142 -16.03 6.25 -19.42
C ARG C 142 -16.96 7.42 -19.12
N VAL C 143 -18.26 7.13 -19.04
CA VAL C 143 -19.26 8.15 -18.77
C VAL C 143 -19.76 8.04 -17.33
N ILE C 144 -19.48 9.08 -16.55
CA ILE C 144 -19.86 9.13 -15.15
C ILE C 144 -20.94 10.18 -14.93
N CYS C 145 -22.11 9.73 -14.49
CA CYS C 145 -23.20 10.63 -14.16
C CYS C 145 -22.97 11.24 -12.77
N THR C 146 -22.62 12.52 -12.75
CA THR C 146 -22.27 13.19 -11.50
C THR C 146 -23.49 13.66 -10.71
N THR C 147 -24.68 13.47 -11.27
CA THR C 147 -25.91 13.86 -10.60
C THR C 147 -26.67 12.66 -10.03
N GLY C 148 -26.16 11.46 -10.28
CA GLY C 148 -26.61 10.27 -9.57
C GLY C 148 -27.64 9.37 -10.24
N GLN C 149 -28.38 9.89 -11.21
CA GLN C 149 -29.50 9.15 -11.80
C GLN C 149 -29.09 7.83 -12.46
N ILE C 150 -27.86 7.78 -12.99
CA ILE C 150 -27.43 6.69 -13.86
C ILE C 150 -26.06 6.14 -13.42
N PRO C 151 -25.88 4.82 -13.44
CA PRO C 151 -24.58 4.31 -13.00
C PRO C 151 -23.50 4.48 -14.08
N ILE C 152 -22.26 4.21 -13.73
CA ILE C 152 -21.14 4.40 -14.65
C ILE C 152 -21.25 3.43 -15.83
N ARG C 153 -21.03 3.96 -17.02
CA ARG C 153 -21.10 3.18 -18.24
C ARG C 153 -19.91 3.51 -19.13
N ASP C 154 -19.52 2.55 -19.96
CA ASP C 154 -18.43 2.74 -20.90
C ASP C 154 -18.93 2.66 -22.33
N LEU C 155 -18.44 3.56 -23.18
CA LEU C 155 -18.66 3.47 -24.61
C LEU C 155 -17.52 2.63 -25.20
N SER C 156 -17.88 1.59 -25.93
CA SER C 156 -16.89 0.63 -26.42
C SER C 156 -16.94 0.49 -27.93
N ALA C 157 -15.82 0.08 -28.51
CA ALA C 157 -15.73 -0.15 -29.94
C ALA C 157 -14.64 -1.18 -30.21
N ASP C 158 -14.85 -2.02 -31.21
CA ASP C 158 -13.85 -3.00 -31.62
C ASP C 158 -12.80 -2.27 -32.43
N ILE C 159 -11.62 -2.10 -31.85
CA ILE C 159 -10.60 -1.24 -32.43
C ILE C 159 -10.15 -1.76 -33.81
N SER C 160 -10.22 -3.07 -34.01
CA SER C 160 -9.94 -3.66 -35.31
C SER C 160 -10.88 -3.08 -36.38
N GLN C 161 -12.18 -3.23 -36.16
CA GLN C 161 -13.20 -2.72 -37.08
C GLN C 161 -13.04 -1.22 -37.34
N VAL C 162 -12.63 -0.49 -36.33
CA VAL C 162 -12.49 0.96 -36.45
C VAL C 162 -11.38 1.32 -37.43
N LEU C 163 -10.26 0.59 -37.37
CA LEU C 163 -9.18 0.78 -38.32
C LEU C 163 -9.65 0.47 -39.74
N LYS C 164 -10.52 -0.51 -39.88
CA LYS C 164 -10.96 -0.97 -41.19
C LYS C 164 -12.02 -0.07 -41.81
N GLU C 165 -12.80 0.60 -40.97
CA GLU C 165 -13.85 1.50 -41.45
C GLU C 165 -13.23 2.65 -42.23
N LYS C 166 -13.76 2.90 -43.43
CA LYS C 166 -13.18 3.89 -44.33
C LYS C 166 -13.86 5.25 -44.15
N ARG C 167 -15.06 5.25 -43.59
CA ARG C 167 -15.78 6.49 -43.34
C ARG C 167 -15.06 7.34 -42.30
N SER C 168 -15.28 8.66 -42.35
CA SER C 168 -14.62 9.59 -41.45
C SER C 168 -15.23 9.53 -40.04
N ILE C 169 -16.46 9.05 -39.97
CA ILE C 169 -17.11 8.76 -38.69
C ILE C 169 -17.11 7.26 -38.45
N LYS C 170 -16.27 6.82 -37.51
CA LYS C 170 -16.06 5.40 -37.25
C LYS C 170 -17.22 4.75 -36.50
N LYS C 171 -17.80 5.46 -35.56
CA LYS C 171 -18.90 4.91 -34.77
C LYS C 171 -19.73 6.00 -34.09
N VAL C 172 -21.00 5.70 -33.89
CA VAL C 172 -21.94 6.63 -33.28
C VAL C 172 -22.60 6.01 -32.05
N TRP C 173 -22.55 6.73 -30.93
CA TRP C 173 -23.30 6.36 -29.73
C TRP C 173 -24.42 7.36 -29.52
N THR C 174 -25.63 6.85 -29.37
CA THR C 174 -26.80 7.72 -29.26
C THR C 174 -27.26 7.78 -27.81
N PHE C 175 -27.52 8.99 -27.34
CA PHE C 175 -28.02 9.22 -25.99
C PHE C 175 -29.44 9.72 -26.09
N GLY C 176 -30.34 9.17 -25.30
CA GLY C 176 -31.74 9.54 -25.42
C GLY C 176 -32.69 9.01 -24.38
N ARG C 177 -33.91 9.49 -24.44
CA ARG C 177 -34.97 9.10 -23.54
C ARG C 177 -35.44 7.68 -23.84
N ASN C 178 -35.31 7.28 -25.11
CA ASN C 178 -35.68 5.93 -25.51
C ASN C 178 -34.63 4.91 -25.07
N PRO C 179 -35.04 3.87 -24.31
CA PRO C 179 -34.06 2.86 -23.88
C PRO C 179 -33.46 2.08 -25.05
N ALA C 180 -33.97 2.29 -26.26
CA ALA C 180 -33.42 1.64 -27.44
C ALA C 180 -32.08 2.27 -27.84
N CYS C 181 -31.79 3.45 -27.31
CA CYS C 181 -30.53 4.13 -27.56
C CYS C 181 -29.39 3.40 -26.87
N ASP C 182 -28.16 3.72 -27.27
CA ASP C 182 -26.97 3.10 -26.70
C ASP C 182 -26.78 3.47 -25.24
N TYR C 183 -27.18 4.69 -24.90
CA TYR C 183 -27.12 5.17 -23.53
C TYR C 183 -28.47 5.76 -23.14
N HIS C 184 -29.13 5.11 -22.19
CA HIS C 184 -30.43 5.54 -21.73
C HIS C 184 -30.30 6.65 -20.70
N LEU C 185 -30.90 7.80 -20.99
CA LEU C 185 -30.83 8.96 -20.12
C LEU C 185 -31.88 8.92 -19.01
N GLY C 186 -32.82 7.99 -19.14
CA GLY C 186 -33.91 7.86 -18.20
C GLY C 186 -35.19 8.45 -18.75
N ASN C 187 -36.32 8.14 -18.13
CA ASN C 187 -37.61 8.63 -18.62
C ASN C 187 -37.92 10.02 -18.09
N ILE C 188 -37.36 11.02 -18.76
CA ILE C 188 -37.58 12.43 -18.42
C ILE C 188 -38.23 13.12 -19.62
N SER C 189 -39.36 13.77 -19.37
CA SER C 189 -40.25 14.26 -20.43
C SER C 189 -39.64 15.30 -21.36
N ARG C 190 -38.65 16.05 -20.87
CA ARG C 190 -38.13 17.17 -21.63
C ARG C 190 -36.91 16.74 -22.45
N LEU C 191 -36.51 15.48 -22.29
CA LEU C 191 -35.46 14.88 -23.12
C LEU C 191 -36.07 14.23 -24.35
N SER C 192 -35.42 14.41 -25.48
CA SER C 192 -35.88 13.81 -26.73
C SER C 192 -35.61 12.30 -26.77
N ASN C 193 -36.37 11.59 -27.61
CA ASN C 193 -36.15 10.15 -27.79
C ASN C 193 -34.71 9.88 -28.14
N LYS C 194 -34.20 10.63 -29.12
CA LYS C 194 -32.76 10.71 -29.39
C LYS C 194 -32.32 12.14 -29.07
N HIS C 195 -31.52 12.30 -28.01
CA HIS C 195 -31.19 13.64 -27.53
C HIS C 195 -29.89 14.16 -28.12
N PHE C 196 -28.80 13.41 -27.94
CA PHE C 196 -27.53 13.79 -28.54
C PHE C 196 -26.71 12.55 -28.85
N GLN C 197 -25.69 12.74 -29.67
CA GLN C 197 -24.83 11.65 -30.10
C GLN C 197 -23.38 11.93 -29.73
N ILE C 198 -22.65 10.88 -29.39
CA ILE C 198 -21.21 10.96 -29.30
C ILE C 198 -20.64 10.21 -30.51
N LEU C 199 -19.83 10.93 -31.29
CA LEU C 199 -19.27 10.40 -32.53
C LEU C 199 -17.78 10.13 -32.38
N LEU C 200 -17.34 8.98 -32.88
CA LEU C 200 -15.92 8.69 -32.98
C LEU C 200 -15.45 9.01 -34.39
N GLY C 201 -14.54 9.97 -34.51
CA GLY C 201 -14.01 10.38 -35.80
C GLY C 201 -12.63 9.79 -36.03
N GLU C 202 -12.06 10.09 -37.20
CA GLU C 202 -10.69 9.65 -37.51
C GLU C 202 -9.69 10.23 -36.52
N ASP C 203 -8.58 9.53 -36.34
CA ASP C 203 -7.52 9.96 -35.43
C ASP C 203 -8.03 10.09 -33.99
N GLY C 204 -9.06 9.31 -33.66
CA GLY C 204 -9.51 9.17 -32.29
C GLY C 204 -10.05 10.43 -31.63
N ASN C 205 -10.86 11.17 -32.37
CA ASN C 205 -11.51 12.36 -31.83
C ASN C 205 -12.97 12.06 -31.49
N LEU C 206 -13.38 12.41 -30.27
CA LEU C 206 -14.77 12.26 -29.88
C LEU C 206 -15.51 13.58 -30.09
N LEU C 207 -16.75 13.48 -30.56
CA LEU C 207 -17.54 14.66 -30.90
C LEU C 207 -18.92 14.61 -30.30
N LEU C 208 -19.38 15.74 -29.78
CA LEU C 208 -20.75 15.88 -29.31
C LEU C 208 -21.62 16.43 -30.44
N ASN C 209 -22.80 15.84 -30.63
CA ASN C 209 -23.75 16.31 -31.63
C ASN C 209 -25.17 16.32 -31.08
N ASP C 210 -25.68 17.52 -30.76
CA ASP C 210 -27.01 17.67 -30.19
C ASP C 210 -28.09 17.63 -31.25
N ILE C 211 -29.08 16.78 -31.04
CA ILE C 211 -30.19 16.62 -31.98
C ILE C 211 -31.51 16.76 -31.24
N SER C 212 -31.45 17.38 -30.06
CA SER C 212 -32.62 17.48 -29.17
C SER C 212 -33.47 18.69 -29.47
N THR C 213 -34.67 18.70 -28.89
CA THR C 213 -35.55 19.85 -28.96
C THR C 213 -35.13 20.91 -27.94
N ASN C 214 -34.84 20.47 -26.72
CA ASN C 214 -34.61 21.38 -25.60
C ASN C 214 -33.13 21.69 -25.33
N GLY C 215 -32.23 21.11 -26.11
CA GLY C 215 -30.84 21.51 -26.09
C GLY C 215 -29.90 20.66 -25.25
N THR C 216 -28.61 20.83 -25.51
CA THR C 216 -27.55 20.13 -24.79
C THR C 216 -26.45 21.12 -24.41
N TRP C 217 -25.93 20.99 -23.21
CA TRP C 217 -24.91 21.90 -22.70
C TRP C 217 -23.56 21.20 -22.56
N LEU C 218 -22.50 21.86 -23.06
CA LEU C 218 -21.14 21.40 -22.88
C LEU C 218 -20.38 22.37 -21.99
N ASN C 219 -19.96 21.90 -20.81
CA ASN C 219 -19.29 22.74 -19.81
C ASN C 219 -20.05 24.04 -19.51
N GLY C 220 -21.38 23.97 -19.50
CA GLY C 220 -22.20 25.08 -19.05
C GLY C 220 -22.69 25.95 -20.18
N GLN C 221 -22.05 25.82 -21.34
CA GLN C 221 -22.43 26.61 -22.50
C GLN C 221 -23.30 25.77 -23.44
N LYS C 222 -24.45 26.33 -23.80
CA LYS C 222 -25.37 25.67 -24.71
C LYS C 222 -24.73 25.46 -26.08
N VAL C 223 -24.85 24.23 -26.57
CA VAL C 223 -24.25 23.84 -27.84
C VAL C 223 -25.24 24.09 -28.98
N GLU C 224 -24.71 24.38 -30.16
CA GLU C 224 -25.55 24.57 -31.34
C GLU C 224 -26.09 23.22 -31.80
N LYS C 225 -27.32 23.20 -32.26
CA LYS C 225 -27.94 21.98 -32.74
C LYS C 225 -27.34 21.55 -34.09
N ASN C 226 -27.16 20.24 -34.27
CA ASN C 226 -26.72 19.67 -35.54
C ASN C 226 -25.31 20.10 -35.95
N SER C 227 -24.51 20.51 -34.97
CA SER C 227 -23.09 20.82 -35.22
C SER C 227 -22.19 19.93 -34.37
N ASN C 228 -21.12 19.43 -34.98
CA ASN C 228 -20.19 18.56 -34.27
C ASN C 228 -19.18 19.36 -33.45
N GLN C 229 -19.25 19.20 -32.13
CA GLN C 229 -18.34 19.88 -31.22
C GLN C 229 -17.34 18.89 -30.62
N LEU C 230 -16.07 19.28 -30.65
CA LEU C 230 -14.99 18.45 -30.13
C LEU C 230 -15.09 18.25 -28.62
N LEU C 231 -14.97 16.99 -28.17
CA LEU C 231 -14.99 16.68 -26.75
C LEU C 231 -13.58 16.54 -26.20
N SER C 232 -13.41 16.94 -24.94
CA SER C 232 -12.10 16.93 -24.30
C SER C 232 -12.16 16.16 -22.98
N GLN C 233 -11.01 15.85 -22.41
CA GLN C 233 -10.94 15.11 -21.15
C GLN C 233 -11.71 15.83 -20.06
N GLY C 234 -12.68 15.13 -19.47
CA GLY C 234 -13.40 15.65 -18.33
C GLY C 234 -14.48 16.64 -18.69
N ASP C 235 -14.85 16.68 -19.98
CA ASP C 235 -15.91 17.59 -20.41
C ASP C 235 -17.23 17.14 -19.80
N GLU C 236 -18.00 18.12 -19.33
CA GLU C 236 -19.28 17.86 -18.70
C GLU C 236 -20.41 18.14 -19.68
N ILE C 237 -21.15 17.10 -20.03
CA ILE C 237 -22.36 17.27 -20.83
C ILE C 237 -23.58 17.32 -19.92
N THR C 238 -24.46 18.29 -20.16
CA THR C 238 -25.64 18.46 -19.34
C THR C 238 -26.91 18.63 -20.17
N VAL C 239 -27.98 17.96 -19.75
CA VAL C 239 -29.28 18.04 -20.39
C VAL C 239 -30.35 18.31 -19.35
N GLY C 240 -31.53 18.74 -19.79
CA GLY C 240 -32.63 19.03 -18.89
C GLY C 240 -32.51 20.37 -18.19
N VAL C 241 -31.51 21.16 -18.60
CA VAL C 241 -31.31 22.49 -18.02
C VAL C 241 -32.53 23.38 -18.19
N GLY C 242 -33.14 23.76 -17.07
CA GLY C 242 -34.35 24.55 -17.08
C GLY C 242 -35.20 24.21 -15.89
N VAL C 243 -35.29 22.90 -15.61
CA VAL C 243 -35.96 22.39 -14.42
C VAL C 243 -34.91 21.74 -13.53
N GLU C 244 -34.89 22.15 -12.26
CA GLU C 244 -33.87 21.68 -11.31
C GLU C 244 -33.89 20.17 -11.13
N SER C 245 -35.08 19.58 -11.17
CA SER C 245 -35.24 18.14 -10.98
C SER C 245 -34.76 17.35 -12.19
N ASP C 246 -34.73 18.00 -13.35
CA ASP C 246 -34.46 17.31 -14.62
C ASP C 246 -32.99 17.34 -15.05
N ILE C 247 -32.19 18.20 -14.42
CA ILE C 247 -30.80 18.33 -14.81
C ILE C 247 -30.04 17.02 -14.62
N LEU C 248 -29.36 16.60 -15.70
CA LEU C 248 -28.58 15.38 -15.73
C LEU C 248 -27.19 15.71 -16.27
N SER C 249 -26.16 15.42 -15.49
CA SER C 249 -24.79 15.78 -15.83
C SER C 249 -23.92 14.55 -16.07
N LEU C 250 -23.32 14.49 -17.25
CA LEU C 250 -22.43 13.39 -17.62
C LEU C 250 -21.02 13.93 -17.81
N VAL C 251 -20.05 13.33 -17.11
CA VAL C 251 -18.66 13.69 -17.27
C VAL C 251 -17.93 12.57 -18.01
N ILE C 252 -17.23 12.92 -19.08
CA ILE C 252 -16.66 11.93 -19.96
C ILE C 252 -15.13 11.83 -19.82
N PHE C 253 -14.66 10.61 -19.55
CA PHE C 253 -13.23 10.36 -19.42
C PHE C 253 -12.76 9.49 -20.56
N ILE C 254 -11.86 10.03 -21.38
CA ILE C 254 -11.49 9.40 -22.63
C ILE C 254 -10.27 8.52 -22.46
N ASN C 255 -10.36 7.28 -22.95
CA ASN C 255 -9.25 6.35 -22.93
C ASN C 255 -8.19 6.76 -23.94
N ASP C 256 -7.05 7.27 -23.45
CA ASP C 256 -5.99 7.74 -24.33
C ASP C 256 -5.24 6.59 -24.98
N LYS C 257 -5.29 5.41 -24.36
CA LYS C 257 -4.69 4.22 -24.94
C LYS C 257 -5.41 3.87 -26.25
N PHE C 258 -6.73 4.02 -26.23
CA PHE C 258 -7.54 3.82 -27.42
C PHE C 258 -7.19 4.85 -28.49
N LYS C 259 -7.01 6.09 -28.06
CA LYS C 259 -6.77 7.20 -28.98
C LYS C 259 -5.40 7.11 -29.66
N GLN C 260 -4.45 6.45 -29.01
CA GLN C 260 -3.09 6.33 -29.55
C GLN C 260 -2.90 5.02 -30.30
N CYS C 261 -3.50 3.95 -29.79
CA CYS C 261 -3.50 2.67 -30.52
C CYS C 261 -4.19 2.84 -31.88
N LEU C 262 -4.93 3.94 -32.02
CA LEU C 262 -5.67 4.24 -33.23
C LEU C 262 -4.88 5.18 -34.15
N GLU C 263 -4.59 6.38 -33.65
CA GLU C 263 -3.90 7.41 -34.43
C GLU C 263 -2.46 7.02 -34.73
N GLN C 264 -2.01 5.94 -34.08
CA GLN C 264 -0.72 5.34 -34.39
C GLN C 264 -0.75 4.73 -35.80
N ASN C 265 -1.94 4.53 -36.33
CA ASN C 265 -2.14 3.78 -37.57
C ASN C 265 -2.86 4.61 -38.63
N LYS C 266 -2.18 5.63 -39.14
CA LYS C 266 -2.71 6.48 -40.20
C LYS C 266 -4.09 7.04 -39.85
N HIS D 2 20.49 -8.42 4.62
CA HIS D 2 19.20 -7.73 4.64
C HIS D 2 18.34 -8.10 3.43
N MET D 3 18.98 -8.35 2.29
CA MET D 3 18.26 -8.79 1.11
C MET D 3 17.47 -10.06 1.43
N THR D 4 16.20 -10.06 1.10
CA THR D 4 15.36 -11.24 1.29
C THR D 4 15.85 -12.31 0.33
N PRO D 5 15.60 -13.60 0.65
CA PRO D 5 16.02 -14.69 -0.25
C PRO D 5 15.44 -14.50 -1.66
N LYS D 6 14.27 -13.89 -1.73
CA LYS D 6 13.60 -13.60 -2.98
C LYS D 6 14.36 -12.56 -3.79
N GLU D 7 14.75 -11.47 -3.12
CA GLU D 7 15.51 -10.40 -3.75
C GLU D 7 16.87 -10.89 -4.23
N LEU D 8 17.52 -11.69 -3.39
CA LEU D 8 18.84 -12.22 -3.69
C LEU D 8 18.77 -13.17 -4.88
N LEU D 9 17.66 -13.88 -5.00
CA LEU D 9 17.44 -14.78 -6.12
C LEU D 9 17.19 -14.00 -7.41
N GLU D 10 16.52 -12.85 -7.28
CA GLU D 10 16.24 -12.00 -8.43
C GLU D 10 17.49 -11.26 -8.88
N TRP D 11 18.36 -10.99 -7.92
CA TRP D 11 19.65 -10.34 -8.19
C TRP D 11 20.59 -11.30 -8.92
N GLN D 12 20.58 -12.56 -8.50
CA GLN D 12 21.41 -13.58 -9.13
C GLN D 12 20.95 -13.86 -10.55
N THR D 13 19.63 -13.98 -10.71
CA THR D 13 19.04 -14.31 -12.00
C THR D 13 19.28 -13.19 -13.03
N ASN D 14 19.40 -11.96 -12.54
CA ASN D 14 19.70 -10.82 -13.41
C ASN D 14 21.17 -10.80 -13.82
N TRP D 15 22.06 -11.05 -12.86
CA TRP D 15 23.49 -11.06 -13.13
C TRP D 15 23.90 -12.22 -14.03
N LYS D 16 23.12 -13.30 -14.01
CA LYS D 16 23.37 -14.44 -14.89
C LYS D 16 23.04 -14.05 -16.32
N LYS D 17 21.94 -13.32 -16.47
CA LYS D 17 21.50 -12.83 -17.76
C LYS D 17 22.55 -11.89 -18.37
N ILE D 18 23.08 -11.02 -17.52
CA ILE D 18 24.07 -10.03 -17.95
C ILE D 18 25.41 -10.68 -18.31
N MET D 19 25.77 -11.72 -17.58
CA MET D 19 27.04 -12.42 -17.81
C MET D 19 27.04 -13.17 -19.13
N LYS D 20 25.88 -13.67 -19.54
CA LYS D 20 25.78 -14.48 -20.74
C LYS D 20 25.57 -13.63 -21.99
N ARG D 21 24.96 -12.46 -21.82
CA ARG D 21 24.56 -11.62 -22.94
C ARG D 21 25.57 -10.53 -23.23
N ASP D 22 25.86 -9.69 -22.24
CA ASP D 22 26.63 -8.47 -22.45
C ASP D 22 27.66 -8.22 -21.34
N SER D 23 28.65 -9.10 -21.24
CA SER D 23 29.72 -8.95 -20.25
C SER D 23 31.08 -9.24 -20.87
N ARG D 24 31.98 -8.27 -20.77
CA ARG D 24 33.34 -8.41 -21.29
C ARG D 24 34.36 -8.29 -20.16
N ILE D 25 35.03 -9.41 -19.87
CA ILE D 25 35.98 -9.46 -18.76
C ILE D 25 37.41 -9.39 -19.28
N TYR D 26 38.19 -8.48 -18.69
CA TYR D 26 39.61 -8.36 -19.00
C TYR D 26 40.45 -8.54 -17.74
N PHE D 27 41.44 -9.43 -17.80
CA PHE D 27 42.30 -9.71 -16.66
C PHE D 27 43.61 -8.93 -16.73
N ASP D 28 43.80 -8.06 -15.73
CA ASP D 28 45.00 -7.22 -15.67
C ASP D 28 46.27 -8.06 -15.70
N ILE D 29 47.15 -7.76 -16.65
CA ILE D 29 48.40 -8.51 -16.81
C ILE D 29 49.52 -7.91 -15.98
N THR D 30 49.35 -6.66 -15.55
CA THR D 30 50.34 -5.98 -14.74
C THR D 30 50.35 -6.56 -13.34
N ASP D 31 51.53 -6.61 -12.71
CA ASP D 31 51.65 -7.23 -11.39
C ASP D 31 52.26 -6.29 -10.34
N ASP D 32 51.93 -6.56 -9.08
CA ASP D 32 52.53 -5.83 -7.97
C ASP D 32 53.98 -6.29 -7.78
N VAL D 33 54.84 -5.38 -7.35
CA VAL D 33 56.27 -5.66 -7.29
C VAL D 33 56.62 -6.46 -6.04
N ASN D 36 57.02 -12.88 -5.34
CA ASN D 36 58.22 -13.53 -5.89
C ASN D 36 57.87 -14.34 -7.12
N TYR D 38 57.71 -17.74 -7.48
CA TYR D 38 56.92 -18.89 -7.02
C TYR D 38 55.51 -18.46 -6.60
N ASN D 39 55.39 -17.24 -6.09
CA ASN D 39 54.10 -16.72 -5.65
C ASN D 39 53.30 -16.19 -6.84
N LYS D 40 54.02 -15.79 -7.88
CA LYS D 40 53.38 -15.36 -9.12
C LYS D 40 52.70 -16.54 -9.79
N SER D 41 53.32 -17.71 -9.70
CA SER D 41 52.77 -18.93 -10.29
C SER D 41 51.49 -19.35 -9.58
N LYS D 42 51.42 -19.08 -8.27
CA LYS D 42 50.23 -19.40 -7.50
C LYS D 42 49.09 -18.46 -7.86
N MET D 43 49.40 -17.18 -7.96
CA MET D 43 48.42 -16.17 -8.35
C MET D 43 47.91 -16.46 -9.76
N ASP D 44 48.82 -16.87 -10.65
CA ASP D 44 48.46 -17.12 -12.03
C ASP D 44 47.58 -18.36 -12.19
N LYS D 45 47.59 -19.23 -11.19
CA LYS D 45 46.69 -20.39 -11.21
C LYS D 45 45.32 -19.98 -10.70
N ARG D 46 45.28 -19.12 -9.67
CA ARG D 46 44.02 -18.54 -9.23
C ARG D 46 43.31 -17.91 -10.42
N ARG D 47 44.08 -17.17 -11.20
CA ARG D 47 43.55 -16.46 -12.36
C ARG D 47 42.86 -17.37 -13.35
N ASP D 48 43.57 -18.40 -13.82
CA ASP D 48 43.03 -19.29 -14.84
C ASP D 48 41.79 -20.04 -14.33
N LEU D 49 41.70 -20.24 -13.02
CA LEU D 49 40.49 -20.81 -12.43
C LEU D 49 39.34 -19.83 -12.57
N LEU D 50 39.63 -18.54 -12.39
CA LEU D 50 38.62 -17.50 -12.53
C LEU D 50 38.14 -17.41 -13.97
N LYS D 51 39.06 -17.53 -14.92
CA LYS D 51 38.70 -17.48 -16.34
C LYS D 51 37.75 -18.61 -16.68
N ARG D 52 38.07 -19.82 -16.21
CA ARG D 52 37.24 -20.98 -16.46
C ARG D 52 35.85 -20.81 -15.84
N GLY D 53 35.82 -20.19 -14.66
CA GLY D 53 34.58 -19.95 -13.96
C GLY D 53 33.66 -18.97 -14.68
N PHE D 54 34.23 -17.88 -15.16
CA PHE D 54 33.44 -16.87 -15.87
C PHE D 54 32.97 -17.41 -17.22
N LEU D 55 33.77 -18.27 -17.83
CA LEU D 55 33.40 -18.91 -19.08
C LEU D 55 32.26 -19.90 -18.84
N THR D 56 32.20 -20.46 -17.64
CA THR D 56 31.14 -21.39 -17.25
C THR D 56 29.80 -20.66 -17.17
N LEU D 57 29.85 -19.38 -16.84
CA LEU D 57 28.65 -18.55 -16.78
C LEU D 57 28.26 -17.98 -18.14
N GLY D 58 29.13 -18.15 -19.13
CA GLY D 58 28.85 -17.72 -20.49
C GLY D 58 29.41 -16.36 -20.84
N ALA D 59 30.27 -15.83 -19.96
CA ALA D 59 30.90 -14.54 -20.21
C ALA D 59 32.06 -14.69 -21.18
N GLN D 60 32.43 -13.59 -21.81
CA GLN D 60 33.51 -13.58 -22.81
C GLN D 60 34.73 -12.87 -22.25
N ILE D 61 35.90 -13.43 -22.52
CA ILE D 61 37.15 -12.87 -22.02
C ILE D 61 37.98 -12.29 -23.16
N THR D 62 38.29 -11.00 -23.05
CA THR D 62 39.15 -10.32 -24.02
C THR D 62 40.60 -10.37 -23.56
N GLN D 63 41.51 -10.53 -24.51
CA GLN D 63 42.94 -10.58 -24.21
C GLN D 63 43.49 -9.18 -24.02
N PHE D 64 42.73 -8.18 -24.46
CA PHE D 64 43.17 -6.79 -24.44
C PHE D 64 42.17 -5.85 -23.80
N PHE D 65 42.67 -4.71 -23.33
CA PHE D 65 41.83 -3.68 -22.75
C PHE D 65 41.15 -2.91 -23.87
N ASP D 66 40.40 -3.64 -24.70
CA ASP D 66 39.77 -3.03 -25.87
C ASP D 66 38.62 -2.10 -25.45
N THR D 67 37.86 -1.64 -26.44
CA THR D 67 36.84 -0.63 -26.21
C THR D 67 35.49 -1.23 -25.85
N THR D 68 35.48 -2.51 -25.46
CA THR D 68 34.22 -3.18 -25.10
C THR D 68 34.17 -3.64 -23.63
N VAL D 69 35.29 -3.62 -22.93
CA VAL D 69 35.35 -4.23 -21.60
C VAL D 69 34.35 -3.59 -20.63
N THR D 70 33.78 -4.43 -19.76
CA THR D 70 32.82 -4.00 -18.75
C THR D 70 33.35 -4.25 -17.34
N ILE D 71 34.19 -5.27 -17.20
CA ILE D 71 34.83 -5.59 -15.92
C ILE D 71 36.31 -5.84 -16.10
N VAL D 72 37.12 -5.19 -15.25
CA VAL D 72 38.54 -5.45 -15.19
C VAL D 72 38.87 -6.18 -13.90
N ILE D 73 39.43 -7.37 -14.02
CA ILE D 73 39.77 -8.19 -12.86
C ILE D 73 41.27 -8.18 -12.62
N THR D 74 41.68 -7.70 -11.45
CA THR D 74 43.08 -7.44 -11.16
C THR D 74 43.49 -7.98 -9.79
N ARG D 75 44.80 -7.95 -9.54
CA ARG D 75 45.39 -8.38 -8.27
C ARG D 75 45.77 -7.19 -7.42
N ARG D 76 46.21 -6.14 -8.10
CA ARG D 76 46.77 -4.98 -7.45
C ARG D 76 45.72 -4.26 -6.62
N SER D 77 46.20 -3.45 -5.67
CA SER D 77 45.32 -2.74 -4.75
C SER D 77 44.29 -1.91 -5.50
N VAL D 78 43.05 -2.42 -5.55
CA VAL D 78 41.96 -1.70 -6.17
C VAL D 78 41.68 -0.38 -5.44
N GLU D 79 42.11 -0.31 -4.18
CA GLU D 79 41.87 0.87 -3.36
C GLU D 79 42.90 1.97 -3.61
N ASN D 80 43.99 1.64 -4.30
CA ASN D 80 45.07 2.59 -4.54
C ASN D 80 45.29 2.87 -6.02
N ILE D 81 44.24 2.76 -6.81
CA ILE D 81 44.31 3.05 -8.23
C ILE D 81 44.50 4.55 -8.46
N TYR D 82 44.21 5.36 -7.44
CA TYR D 82 44.35 6.81 -7.52
C TYR D 82 45.81 7.27 -7.47
N LEU D 83 46.70 6.39 -7.00
CA LEU D 83 48.13 6.70 -6.95
C LEU D 83 48.84 6.29 -8.23
N LEU D 84 48.21 5.40 -8.99
CA LEU D 84 48.78 4.93 -10.25
C LEU D 84 48.90 6.07 -11.26
N LYS D 85 49.74 5.87 -12.27
CA LYS D 85 49.91 6.86 -13.33
C LYS D 85 48.65 6.92 -14.19
N ASP D 86 48.53 7.99 -14.97
CA ASP D 86 47.37 8.19 -15.84
C ASP D 86 47.31 7.12 -16.93
N THR D 87 48.48 6.68 -17.39
CA THR D 87 48.56 5.71 -18.47
C THR D 87 48.07 4.33 -18.04
N ASP D 88 48.02 4.11 -16.74
CA ASP D 88 47.68 2.79 -16.20
C ASP D 88 46.25 2.36 -16.52
N ILE D 89 46.14 1.15 -17.06
CA ILE D 89 44.84 0.59 -17.45
C ILE D 89 43.82 0.68 -16.32
N LEU D 90 44.27 0.45 -15.10
CA LEU D 90 43.40 0.54 -13.94
C LEU D 90 42.90 1.97 -13.72
N SER D 91 43.81 2.94 -13.80
CA SER D 91 43.45 4.34 -13.65
C SER D 91 42.44 4.77 -14.71
N ARG D 92 42.62 4.26 -15.92
CA ARG D 92 41.72 4.57 -17.02
C ARG D 92 40.33 3.99 -16.81
N ALA D 93 40.26 2.75 -16.35
CA ALA D 93 38.99 2.06 -16.17
C ALA D 93 38.13 2.77 -15.12
N LYS D 94 38.76 3.18 -14.02
CA LYS D 94 38.04 3.87 -12.95
C LYS D 94 37.46 5.20 -13.40
N LYS D 95 38.31 6.06 -13.96
CA LYS D 95 37.91 7.39 -14.36
C LYS D 95 36.90 7.35 -15.51
N ASN D 96 36.67 6.15 -16.05
CA ASN D 96 35.61 5.92 -17.01
C ASN D 96 34.48 5.09 -16.42
N TYR D 97 34.50 4.90 -15.10
CA TYR D 97 33.41 4.27 -14.37
C TYR D 97 33.19 2.82 -14.78
N MET D 98 34.30 2.09 -14.95
CA MET D 98 34.25 0.66 -15.20
C MET D 98 34.41 -0.09 -13.90
N LYS D 99 33.84 -1.29 -13.85
CA LYS D 99 34.01 -2.16 -12.69
C LYS D 99 35.44 -2.68 -12.60
N VAL D 100 36.04 -2.55 -11.43
CA VAL D 100 37.37 -3.08 -11.18
C VAL D 100 37.34 -3.98 -9.96
N TRP D 101 37.41 -5.29 -10.21
CA TRP D 101 37.30 -6.30 -9.15
C TRP D 101 38.61 -6.95 -8.81
N SER D 102 38.84 -7.17 -7.51
CA SER D 102 39.94 -7.99 -7.05
C SER D 102 39.60 -9.46 -7.34
N TYR D 103 40.59 -10.35 -7.23
CA TYR D 103 40.33 -11.78 -7.43
C TYR D 103 39.31 -12.29 -6.42
N GLU D 104 39.40 -11.78 -5.19
CA GLU D 104 38.53 -12.21 -4.11
C GLU D 104 37.08 -11.92 -4.47
N LYS D 105 36.80 -10.69 -4.86
CA LYS D 105 35.44 -10.27 -5.19
C LYS D 105 34.90 -11.05 -6.38
N ALA D 106 35.79 -11.39 -7.31
CA ALA D 106 35.41 -12.13 -8.50
C ALA D 106 35.09 -13.57 -8.14
N ALA D 107 35.92 -14.15 -7.27
CA ALA D 107 35.71 -15.52 -6.80
C ALA D 107 34.44 -15.64 -5.98
N ARG D 108 34.16 -14.63 -5.15
CA ARG D 108 32.94 -14.61 -4.35
C ARG D 108 31.73 -14.44 -5.27
N PHE D 109 31.90 -13.64 -6.31
CA PHE D 109 30.84 -13.37 -7.26
C PHE D 109 30.43 -14.64 -8.02
N LEU D 110 31.42 -15.41 -8.47
CA LEU D 110 31.17 -16.66 -9.16
C LEU D 110 30.47 -17.65 -8.23
N LYS D 111 30.90 -17.65 -6.98
CA LYS D 111 30.32 -18.48 -5.94
C LYS D 111 28.84 -18.17 -5.77
N ASN D 112 28.52 -16.87 -5.73
CA ASN D 112 27.14 -16.41 -5.61
C ASN D 112 26.31 -16.75 -6.85
N LEU D 113 26.97 -17.19 -7.92
CA LEU D 113 26.27 -17.60 -9.15
C LEU D 113 26.43 -19.10 -9.36
N ASP D 114 26.72 -19.82 -8.27
CA ASP D 114 26.70 -21.28 -8.27
C ASP D 114 27.76 -21.90 -9.17
N VAL D 115 28.88 -21.20 -9.35
CA VAL D 115 29.99 -21.73 -10.15
C VAL D 115 30.82 -22.72 -9.35
N ASP D 116 31.01 -23.91 -9.91
CA ASP D 116 31.76 -24.98 -9.24
C ASP D 116 33.25 -24.88 -9.51
N LEU D 117 33.94 -24.03 -8.76
CA LEU D 117 35.39 -23.85 -8.90
C LEU D 117 36.14 -25.11 -8.51
N GLY D 136 26.31 -45.52 1.33
CA GLY D 136 24.93 -46.00 1.43
C GLY D 136 24.22 -45.43 2.65
N GLU D 137 24.54 -44.18 3.01
CA GLU D 137 24.02 -43.55 4.21
C GLU D 137 22.84 -42.63 3.89
N ASN D 138 22.07 -42.30 4.92
CA ASN D 138 20.98 -41.34 4.79
C ASN D 138 21.21 -40.10 5.65
N ILE D 139 20.43 -39.06 5.37
CA ILE D 139 20.63 -37.75 5.98
C ILE D 139 19.89 -37.66 7.31
N VAL D 140 20.63 -37.30 8.35
CA VAL D 140 20.07 -37.16 9.69
C VAL D 140 19.68 -35.72 9.97
N CYS D 141 20.51 -34.78 9.53
CA CYS D 141 20.18 -33.37 9.62
C CYS D 141 21.01 -32.54 8.65
N ARG D 142 20.46 -31.40 8.28
CA ARG D 142 21.16 -30.44 7.42
C ARG D 142 21.64 -29.27 8.27
N VAL D 143 22.93 -28.97 8.17
CA VAL D 143 23.54 -27.89 8.93
C VAL D 143 23.80 -26.67 8.07
N ILE D 144 22.97 -25.64 8.24
CA ILE D 144 23.13 -24.39 7.50
C ILE D 144 23.82 -23.32 8.35
N CYS D 145 24.97 -22.88 7.89
CA CYS D 145 25.67 -21.75 8.52
C CYS D 145 25.02 -20.44 8.08
N THR D 146 24.47 -19.71 9.04
CA THR D 146 23.74 -18.48 8.73
C THR D 146 24.64 -17.24 8.84
N THR D 147 25.80 -17.41 9.48
CA THR D 147 26.78 -16.32 9.57
C THR D 147 27.69 -16.31 8.34
N GLY D 148 27.72 -17.42 7.61
CA GLY D 148 28.31 -17.46 6.29
C GLY D 148 29.67 -18.08 6.07
N GLN D 149 30.39 -18.38 7.16
CA GLN D 149 31.77 -18.86 7.01
C GLN D 149 31.85 -20.19 6.28
N ILE D 150 30.78 -20.97 6.35
CA ILE D 150 30.83 -22.37 5.96
C ILE D 150 29.65 -22.77 5.07
N PRO D 151 29.91 -23.51 3.99
CA PRO D 151 28.80 -23.97 3.15
C PRO D 151 27.96 -25.06 3.83
N ILE D 152 26.82 -25.35 3.25
CA ILE D 152 25.89 -26.32 3.81
C ILE D 152 26.47 -27.73 3.80
N ARG D 153 26.39 -28.39 4.94
CA ARG D 153 26.88 -29.76 5.08
C ARG D 153 25.79 -30.62 5.71
N ASP D 154 25.82 -31.91 5.42
CA ASP D 154 24.87 -32.86 5.98
C ASP D 154 25.56 -33.88 6.86
N LEU D 155 24.92 -34.20 7.98
CA LEU D 155 25.36 -35.29 8.84
C LEU D 155 24.63 -36.55 8.41
N SER D 156 25.38 -37.63 8.18
CA SER D 156 24.81 -38.85 7.64
C SER D 156 25.16 -40.06 8.49
N ALA D 157 24.37 -41.13 8.31
CA ALA D 157 24.60 -42.39 9.00
C ALA D 157 23.91 -43.51 8.23
N ASP D 158 24.55 -44.68 8.15
CA ASP D 158 23.92 -45.85 7.55
C ASP D 158 22.78 -46.30 8.48
N ILE D 159 21.56 -46.11 8.01
CA ILE D 159 20.37 -46.39 8.82
C ILE D 159 20.35 -47.84 9.30
N SER D 160 20.79 -48.75 8.43
CA SER D 160 20.84 -50.16 8.76
C SER D 160 21.80 -50.39 9.92
N GLN D 161 23.01 -49.86 9.79
CA GLN D 161 24.05 -50.06 10.81
C GLN D 161 23.66 -49.41 12.13
N VAL D 162 22.89 -48.33 12.05
CA VAL D 162 22.45 -47.61 13.25
C VAL D 162 21.46 -48.43 14.05
N LEU D 163 20.61 -49.19 13.36
CA LEU D 163 19.64 -50.05 14.01
C LEU D 163 20.31 -51.30 14.60
N LYS D 164 21.47 -51.66 14.08
CA LYS D 164 22.24 -52.78 14.64
C LYS D 164 22.94 -52.37 15.93
N GLU D 165 23.38 -51.12 15.98
CA GLU D 165 24.09 -50.58 17.13
C GLU D 165 23.26 -50.76 18.40
N LYS D 166 23.83 -51.44 19.40
CA LYS D 166 23.10 -51.80 20.61
C LYS D 166 23.30 -50.79 21.74
N ARG D 167 24.19 -49.83 21.54
CA ARG D 167 24.47 -48.83 22.56
C ARG D 167 23.39 -47.74 22.56
N SER D 168 23.36 -46.96 23.63
CA SER D 168 22.40 -45.86 23.74
C SER D 168 22.73 -44.75 22.75
N ILE D 169 24.03 -44.47 22.58
CA ILE D 169 24.49 -43.50 21.61
C ILE D 169 24.89 -44.22 20.32
N LYS D 170 24.14 -43.97 19.25
CA LYS D 170 24.26 -44.72 18.00
C LYS D 170 25.36 -44.17 17.11
N LYS D 171 25.68 -42.90 17.28
CA LYS D 171 26.74 -42.25 16.51
C LYS D 171 27.06 -40.87 17.07
N VAL D 172 28.28 -40.42 16.82
CA VAL D 172 28.74 -39.13 17.29
C VAL D 172 29.42 -38.33 16.17
N TRP D 173 28.90 -37.13 15.91
CA TRP D 173 29.54 -36.19 15.00
C TRP D 173 30.26 -35.14 15.81
N THR D 174 31.54 -34.93 15.49
CA THR D 174 32.36 -33.98 16.23
C THR D 174 32.52 -32.70 15.42
N PHE D 175 32.29 -31.56 16.09
CA PHE D 175 32.47 -30.24 15.51
C PHE D 175 33.67 -29.59 16.18
N GLY D 176 34.57 -29.02 15.40
CA GLY D 176 35.73 -28.38 16.00
C GLY D 176 36.68 -27.64 15.08
N ARG D 177 37.73 -27.10 15.69
CA ARG D 177 38.74 -26.33 14.98
C ARG D 177 39.66 -27.24 14.14
N ASN D 178 39.80 -28.49 14.55
CA ASN D 178 40.62 -29.45 13.81
C ASN D 178 39.88 -30.00 12.60
N PRO D 179 40.45 -29.86 11.39
CA PRO D 179 39.76 -30.37 10.19
C PRO D 179 39.61 -31.89 10.17
N ALA D 180 40.16 -32.57 11.17
CA ALA D 180 40.01 -34.01 11.29
C ALA D 180 38.65 -34.36 11.87
N CYS D 181 37.98 -33.38 12.48
CA CYS D 181 36.65 -33.58 13.01
C CYS D 181 35.66 -33.84 11.87
N ASP D 182 34.47 -34.31 12.21
CA ASP D 182 33.44 -34.59 11.22
C ASP D 182 32.95 -33.31 10.56
N TYR D 183 32.99 -32.22 11.33
CA TYR D 183 32.58 -30.91 10.84
C TYR D 183 33.61 -29.88 11.26
N HIS D 184 34.34 -29.33 10.28
CA HIS D 184 35.35 -28.32 10.54
C HIS D 184 34.71 -26.96 10.77
N LEU D 185 34.93 -26.38 11.95
CA LEU D 185 34.35 -25.10 12.30
C LEU D 185 35.16 -23.90 11.77
N GLY D 186 36.32 -24.18 11.19
CA GLY D 186 37.21 -23.14 10.70
C GLY D 186 38.36 -22.91 11.67
N ASN D 187 39.40 -22.23 11.20
CA ASN D 187 40.56 -21.95 12.04
C ASN D 187 40.41 -20.65 12.84
N ILE D 188 39.62 -20.72 13.90
CA ILE D 188 39.45 -19.62 14.84
C ILE D 188 40.12 -19.96 16.16
N SER D 189 40.94 -19.04 16.66
CA SER D 189 41.78 -19.30 17.82
C SER D 189 41.00 -19.68 19.07
N ARG D 190 39.80 -19.11 19.22
CA ARG D 190 39.01 -19.29 20.45
C ARG D 190 38.12 -20.54 20.41
N LEU D 191 38.12 -21.25 19.29
CA LEU D 191 37.44 -22.53 19.20
C LEU D 191 38.40 -23.66 19.56
N SER D 192 37.88 -24.69 20.23
CA SER D 192 38.70 -25.84 20.61
C SER D 192 38.83 -26.84 19.46
N ASN D 193 39.88 -27.66 19.49
CA ASN D 193 40.08 -28.72 18.51
C ASN D 193 38.80 -29.53 18.34
N LYS D 194 38.26 -29.95 19.47
CA LYS D 194 36.95 -30.58 19.52
C LYS D 194 36.05 -29.67 20.35
N HIS D 195 35.12 -28.98 19.69
CA HIS D 195 34.34 -27.96 20.37
C HIS D 195 33.03 -28.52 20.94
N PHE D 196 32.24 -29.17 20.12
CA PHE D 196 31.02 -29.80 20.58
C PHE D 196 30.64 -30.98 19.70
N GLN D 197 29.84 -31.88 20.26
CA GLN D 197 29.40 -33.08 19.54
C GLN D 197 27.90 -33.01 19.28
N ILE D 198 27.48 -33.63 18.19
CA ILE D 198 26.07 -33.94 18.00
C ILE D 198 25.92 -35.45 18.11
N LEU D 199 25.08 -35.88 19.04
CA LEU D 199 24.87 -37.29 19.33
C LEU D 199 23.53 -37.76 18.78
N LEU D 200 23.53 -38.91 18.11
CA LEU D 200 22.29 -39.58 17.75
C LEU D 200 21.98 -40.61 18.83
N GLY D 201 20.89 -40.38 19.55
CA GLY D 201 20.48 -41.26 20.62
C GLY D 201 19.44 -42.25 20.16
N GLU D 202 18.90 -43.02 21.09
CA GLU D 202 17.79 -43.93 20.81
C GLU D 202 16.59 -43.13 20.32
N ASP D 203 15.73 -43.79 19.53
CA ASP D 203 14.46 -43.21 19.11
C ASP D 203 14.64 -41.99 18.20
N GLY D 204 15.84 -41.82 17.66
CA GLY D 204 16.08 -40.82 16.63
C GLY D 204 16.37 -39.42 17.16
N ASN D 205 16.57 -39.32 18.47
CA ASN D 205 16.82 -38.02 19.11
C ASN D 205 18.23 -37.52 18.87
N LEU D 206 18.35 -36.22 18.57
CA LEU D 206 19.65 -35.57 18.44
C LEU D 206 19.99 -34.79 19.69
N LEU D 207 21.23 -34.93 20.15
CA LEU D 207 21.68 -34.31 21.39
C LEU D 207 22.89 -33.42 21.12
N LEU D 208 23.00 -32.34 21.90
CA LEU D 208 24.13 -31.44 21.80
C LEU D 208 24.99 -31.60 23.04
N ASN D 209 26.30 -31.70 22.85
CA ASN D 209 27.23 -31.88 23.95
C ASN D 209 28.46 -30.99 23.81
N ASP D 210 28.50 -29.91 24.58
CA ASP D 210 29.64 -28.99 24.56
C ASP D 210 30.81 -29.56 25.34
N ILE D 211 31.98 -29.56 24.72
CA ILE D 211 33.21 -30.03 25.35
C ILE D 211 34.32 -29.02 25.15
N SER D 212 33.95 -27.79 24.83
CA SER D 212 34.91 -26.74 24.50
C SER D 212 35.43 -26.03 25.73
N THR D 213 36.32 -25.07 25.50
CA THR D 213 36.88 -24.23 26.55
C THR D 213 36.04 -22.96 26.73
N ASN D 214 35.57 -22.41 25.62
CA ASN D 214 34.94 -21.09 25.60
C ASN D 214 33.43 -21.11 25.37
N GLY D 215 32.85 -22.29 25.28
CA GLY D 215 31.41 -22.45 25.35
C GLY D 215 30.68 -22.63 24.03
N THR D 216 29.50 -23.24 24.12
CA THR D 216 28.58 -23.38 23.01
C THR D 216 27.23 -22.80 23.40
N TRP D 217 26.59 -22.11 22.47
CA TRP D 217 25.30 -21.47 22.71
C TRP D 217 24.21 -22.16 21.92
N LEU D 218 23.08 -22.43 22.58
CA LEU D 218 21.92 -23.01 21.93
C LEU D 218 20.74 -22.04 22.02
N ASN D 219 20.29 -21.58 20.86
CA ASN D 219 19.24 -20.56 20.78
C ASN D 219 19.49 -19.37 21.71
N GLY D 220 20.75 -18.97 21.80
CA GLY D 220 21.13 -17.76 22.53
C GLY D 220 21.55 -18.00 23.97
N GLN D 221 21.19 -19.16 24.52
CA GLN D 221 21.55 -19.49 25.91
C GLN D 221 22.76 -20.42 25.96
N LYS D 222 23.71 -20.09 26.83
CA LYS D 222 24.91 -20.90 26.99
C LYS D 222 24.55 -22.27 27.56
N VAL D 223 25.07 -23.31 26.92
CA VAL D 223 24.82 -24.69 27.33
C VAL D 223 25.83 -25.13 28.38
N GLU D 224 25.43 -26.05 29.25
CA GLU D 224 26.34 -26.59 30.26
C GLU D 224 27.33 -27.57 29.63
N LYS D 225 28.59 -27.48 30.05
CA LYS D 225 29.64 -28.34 29.52
C LYS D 225 29.42 -29.78 29.96
N ASN D 226 29.78 -30.72 29.09
CA ASN D 226 29.62 -32.15 29.37
C ASN D 226 28.20 -32.51 29.77
N SER D 227 27.22 -31.88 29.13
CA SER D 227 25.81 -32.10 29.44
C SER D 227 25.00 -32.20 28.17
N ASN D 228 24.35 -33.34 27.97
CA ASN D 228 23.62 -33.59 26.73
C ASN D 228 22.30 -32.84 26.67
N GLN D 229 22.24 -31.87 25.77
CA GLN D 229 21.03 -31.07 25.58
C GLN D 229 20.31 -31.50 24.30
N LEU D 230 19.03 -31.83 24.43
CA LEU D 230 18.22 -32.24 23.29
C LEU D 230 18.14 -31.14 22.23
N LEU D 231 18.26 -31.54 20.95
CA LEU D 231 18.14 -30.60 19.83
C LEU D 231 16.74 -30.65 19.23
N SER D 232 16.33 -29.55 18.60
CA SER D 232 15.01 -29.47 18.00
C SER D 232 15.11 -28.81 16.64
N GLN D 233 14.06 -28.95 15.83
CA GLN D 233 14.03 -28.39 14.49
C GLN D 233 14.24 -26.89 14.52
N GLY D 234 15.28 -26.43 13.82
CA GLY D 234 15.53 -25.01 13.65
C GLY D 234 16.37 -24.41 14.76
N ASP D 235 16.85 -25.26 15.67
CA ASP D 235 17.71 -24.79 16.75
C ASP D 235 18.97 -24.14 16.17
N GLU D 236 19.42 -23.08 16.83
CA GLU D 236 20.61 -22.36 16.41
C GLU D 236 21.74 -22.61 17.39
N ILE D 237 22.82 -23.22 16.91
CA ILE D 237 24.01 -23.43 17.69
C ILE D 237 25.02 -22.34 17.34
N THR D 238 25.49 -21.63 18.36
CA THR D 238 26.43 -20.54 18.16
C THR D 238 27.70 -20.75 18.97
N VAL D 239 28.85 -20.48 18.34
CA VAL D 239 30.14 -20.52 19.01
C VAL D 239 30.91 -19.25 18.75
N GLY D 240 31.87 -18.95 19.61
CA GLY D 240 32.70 -17.75 19.46
C GLY D 240 32.08 -16.50 20.04
N VAL D 241 30.99 -16.64 20.78
CA VAL D 241 30.31 -15.49 21.38
C VAL D 241 31.24 -14.74 22.34
N GLY D 242 31.54 -13.49 22.00
CA GLY D 242 32.47 -12.69 22.76
C GLY D 242 33.27 -11.77 21.85
N VAL D 243 33.52 -12.25 20.63
CA VAL D 243 34.19 -11.45 19.60
C VAL D 243 33.32 -11.42 18.35
N GLU D 244 33.00 -10.22 17.88
CA GLU D 244 32.05 -10.03 16.79
C GLU D 244 32.45 -10.80 15.53
N SER D 245 33.74 -10.82 15.26
CA SER D 245 34.26 -11.47 14.05
C SER D 245 34.18 -12.99 14.15
N ASP D 246 34.35 -13.53 15.35
CA ASP D 246 34.48 -14.98 15.52
C ASP D 246 33.15 -15.70 15.74
N ILE D 247 32.05 -14.96 15.80
CA ILE D 247 30.74 -15.58 15.95
C ILE D 247 30.41 -16.46 14.75
N LEU D 248 30.03 -17.70 15.04
CA LEU D 248 29.66 -18.68 14.02
C LEU D 248 28.34 -19.35 14.41
N SER D 249 27.32 -19.15 13.58
CA SER D 249 25.98 -19.67 13.86
C SER D 249 25.63 -20.82 12.93
N LEU D 250 25.24 -21.95 13.52
CA LEU D 250 24.80 -23.11 12.75
C LEU D 250 23.35 -23.43 13.11
N VAL D 251 22.50 -23.52 12.10
CA VAL D 251 21.09 -23.87 12.30
C VAL D 251 20.83 -25.31 11.83
N ILE D 252 20.19 -26.10 12.69
CA ILE D 252 19.99 -27.53 12.42
C ILE D 252 18.59 -27.86 11.93
N PHE D 253 18.51 -28.55 10.80
CA PHE D 253 17.24 -29.01 10.25
C PHE D 253 17.22 -30.52 10.22
N ILE D 254 16.49 -31.11 11.16
CA ILE D 254 16.52 -32.54 11.36
C ILE D 254 15.64 -33.20 10.33
N ASN D 255 16.20 -34.20 9.65
CA ASN D 255 15.46 -34.98 8.69
C ASN D 255 14.43 -35.78 9.49
N ASP D 256 13.13 -35.65 9.17
CA ASP D 256 12.06 -36.37 9.91
C ASP D 256 11.83 -37.85 9.53
N LYS D 257 12.19 -38.22 8.29
CA LYS D 257 12.04 -39.59 7.76
C LYS D 257 12.94 -40.61 8.48
N PHE D 258 14.22 -40.27 8.56
CA PHE D 258 15.21 -40.97 9.40
C PHE D 258 14.80 -41.17 10.86
N LYS D 259 14.23 -40.13 11.47
CA LYS D 259 13.79 -40.22 12.85
C LYS D 259 12.59 -41.16 12.93
N GLN D 260 11.72 -41.09 11.93
CA GLN D 260 10.56 -41.97 11.86
C GLN D 260 11.00 -43.38 11.49
N CYS D 261 12.14 -43.49 10.81
CA CYS D 261 12.64 -44.78 10.36
C CYS D 261 13.23 -45.62 11.51
N LEU D 262 13.79 -44.97 12.52
CA LEU D 262 14.20 -45.69 13.72
C LEU D 262 12.95 -46.01 14.54
N GLU D 263 12.06 -45.02 14.62
CA GLU D 263 10.79 -45.15 15.35
C GLU D 263 10.05 -46.44 15.01
N GLN D 264 10.12 -46.85 13.74
CA GLN D 264 9.28 -47.92 13.23
C GLN D 264 9.92 -49.31 13.28
N ASN D 265 11.17 -49.39 13.73
CA ASN D 265 11.92 -50.65 13.69
C ASN D 265 12.71 -50.96 14.95
N LYS D 266 12.48 -50.17 16.01
CA LYS D 266 13.12 -50.45 17.30
C LYS D 266 12.70 -49.45 18.37
C1 EDO E . 17.08 -16.73 20.19
O1 EDO E . 16.40 -17.10 21.40
C2 EDO E . 16.70 -17.70 19.08
O2 EDO E . 17.62 -17.64 17.98
H11 EDO E . 18.16 -16.75 20.35
H12 EDO E . 16.79 -15.71 19.91
HO1 EDO E . 16.64 -16.49 22.10
H21 EDO E . 16.69 -18.72 19.48
H22 EDO E . 15.69 -17.47 18.72
HO2 EDO E . 17.35 -18.27 17.30
C1 EDO F . 19.78 -15.67 6.66
O1 EDO F . 20.68 -15.11 7.64
C2 EDO F . 18.36 -15.27 7.00
O2 EDO F . 18.26 -13.84 7.05
H11 EDO F . 20.05 -15.30 5.67
H12 EDO F . 19.88 -16.76 6.66
HO1 EDO F . 21.58 -15.37 7.43
H21 EDO F . 18.07 -15.69 7.97
H22 EDO F . 17.67 -15.66 6.25
HO2 EDO F . 17.36 -13.59 7.26
C1 EDO G . 25.97 -6.01 -6.53
O1 EDO G . 26.15 -6.46 -7.87
C2 EDO G . 26.56 -4.62 -6.37
O2 EDO G . 25.83 -3.88 -5.37
H11 EDO G . 26.45 -6.70 -5.83
H12 EDO G . 24.89 -5.98 -6.30
HO1 EDO G . 25.77 -7.34 -7.97
H21 EDO G . 27.60 -4.70 -6.07
H22 EDO G . 26.52 -4.08 -7.32
HO2 EDO G . 26.21 -3.00 -5.29
C1 EDO H . -22.98 34.25 -24.27
O1 EDO H . -23.27 33.38 -25.37
C2 EDO H . -22.66 33.43 -23.02
O2 EDO H . -23.86 32.88 -22.47
H11 EDO H . -22.14 34.89 -24.51
H12 EDO H . -23.85 34.88 -24.06
HO1 EDO H . -23.48 33.91 -26.15
H21 EDO H . -22.15 34.06 -22.29
H22 EDO H . -21.98 32.62 -23.29
HO2 EDO H . -23.64 32.36 -21.68
C1 EDO I . -22.35 39.33 -28.03
O1 EDO I . -23.08 39.58 -26.83
C2 EDO I . -22.88 40.24 -29.13
O2 EDO I . -22.64 41.62 -28.81
H11 EDO I . -22.45 38.29 -28.32
H12 EDO I . -21.29 39.54 -27.87
HO1 EDO I . -22.74 39.00 -26.12
H21 EDO I . -23.96 40.07 -29.25
H22 EDO I . -22.40 39.99 -30.08
HO2 EDO I . -22.98 42.18 -29.51
C1 EDO J . -19.30 15.19 -8.32
O1 EDO J . -20.55 15.17 -7.63
C2 EDO J . -18.16 15.27 -7.30
O2 EDO J . -18.69 15.17 -5.98
H11 EDO J . -19.25 16.03 -9.00
H12 EDO J . -19.18 14.27 -8.90
HO1 EDO J . -21.27 15.12 -8.29
H21 EDO J . -17.64 16.23 -7.42
H22 EDO J . -17.45 14.47 -7.47
HO2 EDO J . -17.97 15.24 -5.34
C1 EDO K . -39.65 16.44 -27.72
O1 EDO K . -38.74 16.01 -28.74
C2 EDO K . -38.93 16.43 -26.38
O2 EDO K . -39.69 17.17 -25.41
H11 EDO K . -40.00 17.44 -27.94
H12 EDO K . -40.50 15.77 -27.68
HO1 EDO K . -39.18 16.01 -29.59
H21 EDO K . -38.79 15.41 -26.03
H22 EDO K . -37.94 16.88 -26.49
HO2 EDO K . -39.23 17.16 -24.56
C1 EDO L . -23.73 8.81 2.38
O1 EDO L . -24.12 8.19 1.16
C2 EDO L . -24.97 9.38 3.06
O2 EDO L . -26.05 8.46 2.86
H11 EDO L . -23.01 9.61 2.18
H12 EDO L . -23.25 8.08 3.04
HO1 EDO L . -23.34 7.82 0.72
H21 EDO L . -24.79 9.52 4.12
H22 EDO L . -25.22 10.35 2.63
HO2 EDO L . -26.85 8.81 3.29
C1 EDO M . -27.63 4.99 2.37
O1 EDO M . -26.71 6.05 2.67
C2 EDO M . -29.06 5.40 2.72
O2 EDO M . -29.95 4.40 2.19
H11 EDO M . -27.35 4.10 2.93
H12 EDO M . -27.57 4.74 1.30
HO1 EDO M . -25.81 5.78 2.43
H21 EDO M . -29.28 6.37 2.28
H22 EDO M . -29.17 5.47 3.80
HO2 EDO M . -30.86 4.65 2.41
C1 EDO N . -32.95 6.76 0.31
O1 EDO N . -32.85 6.97 -1.11
C2 EDO N . -32.57 8.04 1.05
O2 EDO N . -32.30 7.76 2.43
H11 EDO N . -32.27 5.95 0.61
H12 EDO N . -33.96 6.46 0.57
HO1 EDO N . -33.08 6.15 -1.57
H21 EDO N . -33.40 8.75 0.99
H22 EDO N . -31.70 8.49 0.59
HO2 EDO N . -32.07 8.57 2.89
C1 EDO O . 19.05 -33.16 -1.82
O1 EDO O . 18.78 -33.46 -0.44
C2 EDO O . 19.45 -31.70 -1.95
O2 EDO O . 19.94 -31.44 -3.28
H11 EDO O . 19.86 -33.79 -2.19
H12 EDO O . 18.16 -33.36 -2.42
HO1 EDO O . 18.53 -34.39 -0.36
H21 EDO O . 18.59 -31.06 -1.75
H22 EDO O . 20.23 -31.46 -1.22
HO2 EDO O . 20.19 -30.51 -3.35
C1 EDO P . 23.29 -29.18 33.60
O1 EDO P . 23.42 -30.50 33.05
C2 EDO P . 24.03 -29.08 34.92
O2 EDO P . 23.81 -27.78 35.49
H11 EDO P . 22.23 -28.95 33.75
H12 EDO P . 23.69 -28.45 32.89
HO1 EDO P . 22.94 -30.55 32.21
H21 EDO P . 23.69 -29.85 35.61
H22 EDO P . 25.10 -29.23 34.76
HO2 EDO P . 24.29 -27.71 36.33
C1 EDO Q . 25.30 -17.89 35.21
O1 EDO Q . 23.92 -18.17 34.93
C2 EDO Q . 25.81 -16.77 34.32
O2 EDO Q . 25.59 -17.08 32.94
H11 EDO Q . 25.41 -17.61 36.26
H12 EDO Q . 25.89 -18.80 35.04
HO1 EDO Q . 23.61 -18.88 35.50
H21 EDO Q . 26.87 -16.63 34.49
H22 EDO Q . 25.30 -15.84 34.57
HO2 EDO Q . 25.92 -16.36 32.39
C1 EDO R . 24.57 -10.06 -2.68
O1 EDO R . 25.93 -10.51 -2.71
C2 EDO R . 24.46 -8.63 -3.19
O2 EDO R . 25.76 -8.15 -3.58
H11 EDO R . 23.95 -10.71 -3.31
H12 EDO R . 24.19 -10.11 -1.66
HO1 EDO R . 25.98 -11.41 -2.39
H21 EDO R . 23.79 -8.59 -4.04
H22 EDO R . 24.06 -7.99 -2.40
HO2 EDO R . 25.69 -7.24 -3.90
#